data_8PL3
#
_entry.id   8PL3
#
_cell.length_a   62.420
_cell.length_b   103.410
_cell.length_c   134.220
_cell.angle_alpha   90.000
_cell.angle_beta   91.810
_cell.angle_gamma   90.000
#
_symmetry.space_group_name_H-M   'P 1 21 1'
#
loop_
_entity.id
_entity.type
_entity.pdbx_description
1 polymer 'Thioredoxin glutathione reductase'
2 non-polymer 'FLAVIN-ADENINE DINUCLEOTIDE'
3 non-polymer "~{N}'-(2-fluorophenyl)-5-methyl-1,2-oxazole-3-carbohydrazide"
4 water water
#
_entity_poly.entity_id   1
_entity_poly.type   'polypeptide(L)'
_entity_poly.pdbx_seq_one_letter_code
;GPPPADGTSQWLRKTVDSAAVILFSKTTCPYCKKVKDVLAEAKIKHATIELDQLSNGSAIQKCLASFSKIETVPQMFVRG
KFIGDSQTVLKYYSNDELAGIVNESKYDYDLIVIGGGSGGLAAGKEAAKYGAKTAVLDYVEPTPIGTTWGLGGTCVNVGC
IPKKLMHQAGLLSHALEDAEHFGWSLDRSKISHNWSTMVEGVQSHIGSLNWGYKVALRDNQVTYLNAKGRLISPHEVQIT
DKNQKVSTITGNKIILATGERPKYPEIPGAVEYGITSDDLFSLPYFPGKTLVIGASYVALECAGFLASLGGDVTVMVRSI
LLRGFDQQMAEKVGDYMENHGVKFAKLCVPDEIKQLKVVDTENNKPGLLLVKGHYTDGKKFEEEFETVIFAVGREPQLSK
VLCETVGVKLDKNGRVVCTDDEQTTVSNVYAIGDINAGKPQLTPVAIQAGRYLARRLFAGATELTDYSNVATTVFTPLEY
GACGLSEEDAIEKYGDKDIEVYHSNFKPLEWTVAHREDNVCYMKLVCRKSDNMRVLGLHVLGPNAGEITQGYAVAIKMGA
TKADFDRTIGIHPTCSETFTTLHVTKKSGVSPIVSGC
;
_entity_poly.pdbx_strand_id   A,B
#
# COMPACT_ATOMS: atom_id res chain seq x y z
N GLY A 7 6.26 24.51 13.03
CA GLY A 7 5.22 25.31 13.65
C GLY A 7 3.95 25.31 12.82
N THR A 8 3.95 26.09 11.75
CA THR A 8 2.89 25.99 10.75
C THR A 8 2.87 24.60 10.11
N SER A 9 4.05 24.05 9.80
CA SER A 9 4.11 22.75 9.15
C SER A 9 3.64 21.62 10.08
N GLN A 10 3.89 21.73 11.39
CA GLN A 10 3.35 20.72 12.30
C GLN A 10 1.84 20.83 12.43
N TRP A 11 1.31 22.05 12.42
CA TRP A 11 -0.15 22.23 12.43
C TRP A 11 -0.77 21.66 11.15
N LEU A 12 -0.13 21.87 10.00
CA LEU A 12 -0.76 21.43 8.76
C LEU A 12 -0.78 19.91 8.66
N ARG A 13 0.28 19.25 9.12
CA ARG A 13 0.31 17.78 9.06
C ARG A 13 -0.72 17.18 10.00
N LYS A 14 -0.86 17.73 11.21
CA LYS A 14 -1.88 17.20 12.12
C LYS A 14 -3.28 17.42 11.55
N THR A 15 -3.52 18.59 10.94
CA THR A 15 -4.84 18.90 10.39
C THR A 15 -5.18 17.97 9.23
N VAL A 16 -4.22 17.77 8.31
CA VAL A 16 -4.47 16.92 7.15
C VAL A 16 -4.64 15.46 7.56
N ASP A 17 -3.83 15.00 8.53
CA ASP A 17 -3.87 13.60 8.93
C ASP A 17 -5.22 13.23 9.56
N SER A 18 -5.85 14.18 10.25
CA SER A 18 -7.02 13.95 11.10
C SER A 18 -8.36 14.28 10.43
N ALA A 19 -8.41 15.29 9.56
CA ALA A 19 -9.69 15.66 8.95
C ALA A 19 -10.26 14.53 8.10
N ALA A 20 -11.59 14.36 8.17
CA ALA A 20 -12.25 13.38 7.31
C ALA A 20 -12.32 13.86 5.86
N VAL A 21 -12.89 15.05 5.64
CA VAL A 21 -12.96 15.70 4.32
C VAL A 21 -12.70 17.19 4.52
N ILE A 22 -11.70 17.74 3.83
CA ILE A 22 -11.34 19.15 4.03
C ILE A 22 -10.92 19.79 2.72
N LEU A 23 -11.34 21.05 2.54
CA LEU A 23 -11.04 21.83 1.34
C LEU A 23 -10.23 23.06 1.72
N PHE A 24 -9.08 23.25 1.06
CA PHE A 24 -8.30 24.46 1.23
C PHE A 24 -8.66 25.43 0.11
N SER A 25 -8.98 26.67 0.49
CA SER A 25 -9.77 27.56 -0.35
C SER A 25 -9.33 29.01 -0.14
N LYS A 26 -9.80 29.89 -1.03
CA LYS A 26 -9.85 31.32 -0.78
C LYS A 26 -11.21 31.87 -1.20
N THR A 27 -11.68 32.88 -0.45
CA THR A 27 -13.01 33.42 -0.68
C THR A 27 -13.14 34.05 -2.06
N THR A 28 -12.04 34.49 -2.64
CA THR A 28 -12.02 35.23 -3.90
C THR A 28 -11.93 34.36 -5.14
N CYS A 29 -11.96 33.03 -5.00
CA CYS A 29 -11.56 32.16 -6.10
C CYS A 29 -12.76 31.46 -6.74
N PRO A 30 -13.05 31.72 -8.02
CA PRO A 30 -14.21 31.06 -8.65
C PRO A 30 -14.00 29.57 -8.89
N TYR A 31 -12.75 29.10 -8.97
CA TYR A 31 -12.52 27.66 -9.04
C TYR A 31 -12.86 27.00 -7.71
N CYS A 32 -12.55 27.67 -6.59
CA CYS A 32 -12.96 27.14 -5.29
C CYS A 32 -14.49 27.13 -5.16
N LYS A 33 -15.16 28.17 -5.66
CA LYS A 33 -16.62 28.18 -5.63
C LYS A 33 -17.21 27.03 -6.43
N LYS A 34 -16.59 26.67 -7.56
CA LYS A 34 -17.11 25.56 -8.37
C LYS A 34 -16.97 24.24 -7.63
N VAL A 35 -15.89 24.06 -6.87
CA VAL A 35 -15.73 22.81 -6.12
C VAL A 35 -16.72 22.77 -4.96
N LYS A 36 -16.91 23.90 -4.29
CA LYS A 36 -17.89 23.96 -3.20
C LYS A 36 -19.27 23.56 -3.69
N ASP A 37 -19.67 24.07 -4.87
CA ASP A 37 -21.01 23.81 -5.40
C ASP A 37 -21.20 22.34 -5.75
N VAL A 38 -20.16 21.68 -6.28
CA VAL A 38 -20.28 20.26 -6.59
C VAL A 38 -20.41 19.44 -5.30
N LEU A 39 -19.65 19.78 -4.28
CA LEU A 39 -19.70 19.03 -3.03
C LEU A 39 -21.06 19.18 -2.35
N ALA A 40 -21.65 20.38 -2.42
CA ALA A 40 -22.98 20.59 -1.84
C ALA A 40 -24.04 19.81 -2.62
N GLU A 41 -23.91 19.73 -3.95
CA GLU A 41 -24.91 19.03 -4.75
C GLU A 41 -24.87 17.52 -4.50
N ALA A 42 -23.69 16.97 -4.22
CA ALA A 42 -23.56 15.55 -3.91
C ALA A 42 -23.78 15.25 -2.43
N LYS A 43 -24.13 16.25 -1.63
CA LYS A 43 -24.41 16.09 -0.20
C LYS A 43 -23.18 15.58 0.55
N ILE A 44 -22.00 16.07 0.16
CA ILE A 44 -20.75 15.71 0.79
C ILE A 44 -20.38 16.84 1.77
N LYS A 45 -20.47 16.55 3.08
CA LYS A 45 -20.10 17.51 4.11
C LYS A 45 -18.58 17.51 4.32
N HIS A 46 -18.06 18.69 4.68
CA HIS A 46 -16.61 18.89 4.72
C HIS A 46 -16.26 20.15 5.50
N ALA A 47 -15.05 20.16 6.05
CA ALA A 47 -14.48 21.40 6.58
C ALA A 47 -13.89 22.24 5.46
N THR A 48 -13.75 23.54 5.71
CA THR A 48 -13.14 24.48 4.77
C THR A 48 -12.23 25.43 5.51
N ILE A 49 -11.03 25.66 4.99
CA ILE A 49 -10.12 26.66 5.54
C ILE A 49 -9.83 27.67 4.45
N GLU A 50 -10.17 28.95 4.72
CA GLU A 50 -10.03 30.04 3.76
C GLU A 50 -8.68 30.71 4.00
N LEU A 51 -7.71 30.42 3.13
CA LEU A 51 -6.33 30.81 3.40
C LEU A 51 -6.15 32.33 3.45
N ASP A 52 -7.01 33.07 2.75
CA ASP A 52 -6.92 34.53 2.77
C ASP A 52 -7.49 35.15 4.03
N GLN A 53 -7.98 34.36 4.98
CA GLN A 53 -8.46 34.85 6.27
C GLN A 53 -7.48 34.56 7.40
N LEU A 54 -6.29 34.05 7.10
CA LEU A 54 -5.29 33.72 8.10
C LEU A 54 -4.02 34.50 7.83
N SER A 55 -3.33 34.90 8.90
CA SER A 55 -2.16 35.75 8.74
C SER A 55 -0.95 34.98 8.22
N ASN A 56 -0.88 33.67 8.47
CA ASN A 56 0.17 32.84 7.89
C ASN A 56 -0.35 32.00 6.73
N GLY A 57 -1.32 32.52 5.99
CA GLY A 57 -1.90 31.77 4.88
C GLY A 57 -0.92 31.52 3.75
N SER A 58 0.01 32.46 3.52
CA SER A 58 1.03 32.25 2.48
C SER A 58 1.95 31.10 2.85
N ALA A 59 2.38 31.04 4.12
CA ALA A 59 3.18 29.90 4.57
C ALA A 59 2.41 28.59 4.44
N ILE A 60 1.13 28.60 4.81
CA ILE A 60 0.32 27.38 4.71
C ILE A 60 0.27 26.89 3.27
N GLN A 61 0.05 27.81 2.33
CA GLN A 61 -0.04 27.44 0.93
C GLN A 61 1.24 26.78 0.42
N LYS A 62 2.40 27.25 0.88
CA LYS A 62 3.65 26.60 0.45
C LYS A 62 3.82 25.24 1.09
N CYS A 63 3.40 25.09 2.36
CA CYS A 63 3.51 23.79 3.02
C CYS A 63 2.61 22.73 2.38
N LEU A 64 1.45 23.14 1.83
CA LEU A 64 0.58 22.17 1.16
C LEU A 64 1.32 21.38 0.10
N ALA A 65 2.35 21.97 -0.52
CA ALA A 65 3.02 21.31 -1.63
C ALA A 65 3.72 20.02 -1.20
N SER A 66 4.20 19.94 0.04
CA SER A 66 4.84 18.70 0.48
C SER A 66 3.84 17.55 0.65
N PHE A 67 2.54 17.83 0.60
CA PHE A 67 1.50 16.81 0.54
C PHE A 67 0.99 16.55 -0.88
N SER A 68 0.78 17.60 -1.69
CA SER A 68 0.09 17.47 -2.97
C SER A 68 0.99 17.69 -4.19
N LYS A 69 2.16 18.28 -4.00
CA LYS A 69 3.08 18.73 -5.05
C LYS A 69 2.57 19.96 -5.79
N ILE A 70 1.54 20.64 -5.29
CA ILE A 70 1.09 21.90 -5.88
C ILE A 70 0.87 22.93 -4.78
N GLU A 71 0.90 24.21 -5.17
CA GLU A 71 0.75 25.33 -4.24
C GLU A 71 -0.44 26.24 -4.58
N THR A 72 -1.37 25.78 -5.41
CA THR A 72 -2.56 26.56 -5.76
C THR A 72 -3.76 26.13 -4.92
N VAL A 73 -4.82 26.93 -4.98
CA VAL A 73 -6.12 26.55 -4.41
C VAL A 73 -7.12 26.41 -5.55
N PRO A 74 -8.14 25.54 -5.44
CA PRO A 74 -8.47 24.67 -4.30
C PRO A 74 -7.65 23.39 -4.22
N GLN A 75 -7.59 22.80 -3.02
CA GLN A 75 -7.00 21.47 -2.79
C GLN A 75 -7.93 20.70 -1.88
N MET A 76 -8.36 19.51 -2.32
CA MET A 76 -9.25 18.64 -1.56
C MET A 76 -8.49 17.45 -0.98
N PHE A 77 -8.71 17.17 0.32
CA PHE A 77 -8.13 16.01 0.98
C PHE A 77 -9.22 15.16 1.62
N VAL A 78 -8.98 13.85 1.69
CA VAL A 78 -9.88 12.88 2.33
C VAL A 78 -9.01 11.96 3.20
N ARG A 79 -9.20 12.02 4.51
CA ARG A 79 -8.54 11.13 5.47
C ARG A 79 -7.02 11.04 5.22
N GLY A 80 -6.40 12.21 5.04
CA GLY A 80 -4.97 12.34 4.93
C GLY A 80 -4.40 12.21 3.53
N LYS A 81 -5.25 11.97 2.52
CA LYS A 81 -4.83 11.75 1.14
C LYS A 81 -5.26 12.92 0.27
N PHE A 82 -4.33 13.45 -0.53
CA PHE A 82 -4.68 14.48 -1.52
C PHE A 82 -5.51 13.86 -2.63
N ILE A 83 -6.66 14.45 -2.90
CA ILE A 83 -7.60 13.95 -3.90
C ILE A 83 -7.48 14.71 -5.22
N GLY A 84 -7.42 16.03 -5.19
CA GLY A 84 -7.13 16.76 -6.42
C GLY A 84 -7.46 18.23 -6.35
N ASP A 85 -7.17 18.89 -7.46
CA ASP A 85 -7.52 20.28 -7.68
C ASP A 85 -8.90 20.35 -8.34
N SER A 86 -9.24 21.49 -8.95
CA SER A 86 -10.57 21.68 -9.55
C SER A 86 -10.82 20.69 -10.70
N GLN A 87 -9.93 20.64 -11.69
CA GLN A 87 -10.17 19.77 -12.83
C GLN A 87 -10.35 18.32 -12.39
N THR A 88 -9.57 17.88 -11.39
CA THR A 88 -9.60 16.48 -10.99
C THR A 88 -10.88 16.14 -10.21
N VAL A 89 -11.30 17.03 -9.31
CA VAL A 89 -12.53 16.77 -8.55
C VAL A 89 -13.72 16.71 -9.49
N LEU A 90 -13.79 17.64 -10.45
CA LEU A 90 -14.89 17.63 -11.41
C LEU A 90 -14.87 16.37 -12.27
N LYS A 91 -13.68 15.85 -12.59
CA LYS A 91 -13.56 14.61 -13.34
C LYS A 91 -14.18 13.45 -12.56
N TYR A 92 -13.86 13.35 -11.27
CA TYR A 92 -14.42 12.26 -10.48
C TYR A 92 -15.94 12.38 -10.39
N TYR A 93 -16.45 13.62 -10.30
CA TYR A 93 -17.88 13.83 -10.18
C TYR A 93 -18.62 13.37 -11.43
N SER A 94 -18.18 13.84 -12.60
CA SER A 94 -18.89 13.50 -13.82
C SER A 94 -18.73 12.03 -14.22
N ASN A 95 -17.72 11.34 -13.71
CA ASN A 95 -17.59 9.89 -13.92
C ASN A 95 -18.22 9.06 -12.81
N ASP A 96 -18.98 9.69 -11.90
CA ASP A 96 -19.64 9.01 -10.80
C ASP A 96 -18.64 8.21 -9.95
N GLU A 97 -17.45 8.78 -9.77
CA GLU A 97 -16.38 8.18 -8.97
C GLU A 97 -16.21 8.84 -7.61
N LEU A 98 -16.79 10.04 -7.42
CA LEU A 98 -16.49 10.85 -6.24
C LEU A 98 -17.06 10.24 -4.96
N ALA A 99 -18.29 9.74 -5.00
CA ALA A 99 -18.91 9.21 -3.78
C ALA A 99 -18.09 8.07 -3.19
N GLY A 100 -17.57 7.18 -4.04
CA GLY A 100 -16.75 6.09 -3.53
C GLY A 100 -15.43 6.55 -2.95
N ILE A 101 -14.86 7.61 -3.52
CA ILE A 101 -13.59 8.15 -3.03
C ILE A 101 -13.76 8.74 -1.64
N VAL A 102 -14.82 9.55 -1.43
CA VAL A 102 -14.98 10.24 -0.16
C VAL A 102 -15.45 9.32 0.94
N ASN A 103 -15.84 8.09 0.61
CA ASN A 103 -16.27 7.12 1.62
C ASN A 103 -15.22 6.04 1.89
N GLU A 104 -14.06 6.12 1.24
CA GLU A 104 -12.97 5.17 1.48
C GLU A 104 -12.38 5.38 2.86
N SER A 105 -12.33 4.31 3.66
CA SER A 105 -11.76 4.41 5.00
C SER A 105 -11.23 3.08 5.49
N LYS A 106 -10.12 3.16 6.24
CA LYS A 106 -9.57 2.02 6.97
C LYS A 106 -10.50 1.53 8.07
N TYR A 107 -11.42 2.37 8.55
CA TYR A 107 -12.25 2.10 9.71
C TYR A 107 -13.73 2.25 9.37
N ASP A 108 -14.59 1.65 10.20
CA ASP A 108 -16.03 1.79 10.01
C ASP A 108 -16.46 3.25 10.20
N TYR A 109 -15.87 3.96 11.17
CA TYR A 109 -16.21 5.34 11.51
C TYR A 109 -14.97 6.21 11.68
N ASP A 110 -15.11 7.51 11.36
CA ASP A 110 -14.07 8.46 11.71
C ASP A 110 -14.04 8.72 13.22
N LEU A 111 -15.20 8.64 13.87
CA LEU A 111 -15.33 8.93 15.30
C LEU A 111 -16.36 7.99 15.90
N ILE A 112 -16.01 7.34 17.02
CA ILE A 112 -16.96 6.63 17.86
C ILE A 112 -16.98 7.34 19.21
N VAL A 113 -18.17 7.78 19.65
CA VAL A 113 -18.39 8.36 20.98
C VAL A 113 -19.03 7.30 21.87
N ILE A 114 -18.39 6.96 22.99
CA ILE A 114 -18.97 6.04 23.96
C ILE A 114 -19.64 6.88 25.04
N GLY A 115 -20.98 6.96 25.01
CA GLY A 115 -21.74 7.75 25.99
C GLY A 115 -22.54 8.87 25.35
N GLY A 116 -23.87 8.82 25.49
CA GLY A 116 -24.74 9.82 24.87
C GLY A 116 -25.32 10.82 25.86
N GLY A 117 -24.45 11.48 26.61
CA GLY A 117 -24.87 12.52 27.54
C GLY A 117 -24.46 13.94 27.13
N SER A 118 -24.27 14.82 28.11
CA SER A 118 -23.98 16.22 27.81
C SER A 118 -22.79 16.39 26.86
N GLY A 119 -21.65 15.79 27.20
CA GLY A 119 -20.45 15.93 26.38
C GLY A 119 -20.51 15.13 25.10
N GLY A 120 -20.94 13.87 25.19
CA GLY A 120 -20.88 12.98 24.04
C GLY A 120 -21.78 13.41 22.89
N LEU A 121 -23.02 13.82 23.20
CA LEU A 121 -23.92 14.31 22.15
C LEU A 121 -23.38 15.58 21.50
N ALA A 122 -22.81 16.50 22.31
CA ALA A 122 -22.25 17.72 21.76
C ALA A 122 -21.09 17.42 20.81
N ALA A 123 -20.17 16.54 21.23
CA ALA A 123 -19.02 16.21 20.39
C ALA A 123 -19.45 15.53 19.10
N GLY A 124 -20.41 14.60 19.18
CA GLY A 124 -20.80 13.83 18.02
C GLY A 124 -21.49 14.68 16.97
N LYS A 125 -22.38 15.58 17.40
CA LYS A 125 -23.08 16.42 16.43
C LYS A 125 -22.12 17.40 15.77
N GLU A 126 -21.18 17.95 16.53
CA GLU A 126 -20.25 18.91 15.98
C GLU A 126 -19.30 18.25 14.98
N ALA A 127 -18.83 17.05 15.27
CA ALA A 127 -17.92 16.36 14.36
C ALA A 127 -18.60 16.07 13.02
N ALA A 128 -19.85 15.64 13.06
CA ALA A 128 -20.57 15.27 11.85
C ALA A 128 -20.72 16.46 10.91
N LYS A 129 -20.76 17.69 11.45
CA LYS A 129 -20.88 18.87 10.62
C LYS A 129 -19.71 19.05 9.67
N TYR A 130 -18.54 18.48 9.97
CA TYR A 130 -17.38 18.61 9.11
C TYR A 130 -17.11 17.36 8.28
N GLY A 131 -18.11 16.49 8.15
CA GLY A 131 -17.97 15.32 7.32
C GLY A 131 -17.45 14.08 8.02
N ALA A 132 -17.23 14.12 9.34
CA ALA A 132 -16.78 12.93 10.05
C ALA A 132 -17.93 11.92 10.13
N LYS A 133 -17.71 10.70 9.64
CA LYS A 133 -18.67 9.62 9.79
C LYS A 133 -18.68 9.17 11.25
N THR A 134 -19.79 9.38 11.96
CA THR A 134 -19.82 9.34 13.43
C THR A 134 -20.87 8.37 13.96
N ALA A 135 -20.51 7.65 15.02
CA ALA A 135 -21.45 6.83 15.79
C ALA A 135 -21.46 7.30 17.25
N VAL A 136 -22.65 7.38 17.84
CA VAL A 136 -22.81 7.66 19.27
C VAL A 136 -23.50 6.46 19.89
N LEU A 137 -22.86 5.88 20.90
CA LEU A 137 -23.39 4.76 21.67
C LEU A 137 -23.93 5.27 23.01
N ASP A 138 -25.12 4.84 23.39
CA ASP A 138 -25.64 5.15 24.72
C ASP A 138 -26.43 3.97 25.28
N TYR A 139 -26.16 3.66 26.55
CA TYR A 139 -26.88 2.64 27.32
C TYR A 139 -27.00 3.11 28.75
N VAL A 140 -28.16 2.87 29.36
CA VAL A 140 -28.44 3.31 30.72
C VAL A 140 -28.62 2.05 31.57
N GLU A 141 -27.60 1.70 32.36
CA GLU A 141 -27.71 0.56 33.26
C GLU A 141 -28.76 0.85 34.33
N PRO A 142 -29.75 -0.03 34.53
CA PRO A 142 -30.83 0.28 35.48
C PRO A 142 -30.33 0.40 36.92
N THR A 143 -31.05 1.21 37.71
CA THR A 143 -30.77 1.30 39.14
C THR A 143 -31.13 -0.03 39.82
N PRO A 144 -30.74 -0.21 41.09
CA PRO A 144 -31.09 -1.46 41.79
C PRO A 144 -32.58 -1.76 41.85
N ILE A 145 -33.47 -0.76 41.93
CA ILE A 145 -34.90 -1.05 41.86
C ILE A 145 -35.43 -1.12 40.42
N GLY A 146 -34.59 -0.90 39.42
CA GLY A 146 -34.99 -1.09 38.03
C GLY A 146 -35.23 0.16 37.21
N THR A 147 -34.97 1.35 37.75
CA THR A 147 -35.26 2.59 37.04
C THR A 147 -34.31 2.75 35.85
N THR A 148 -34.86 3.19 34.72
CA THR A 148 -34.07 3.53 33.54
C THR A 148 -34.74 4.71 32.83
N TRP A 149 -34.06 5.23 31.78
CA TRP A 149 -34.50 6.44 31.08
C TRP A 149 -33.86 6.50 29.69
N GLY A 150 -34.19 7.56 28.94
CA GLY A 150 -33.84 7.67 27.53
C GLY A 150 -32.58 8.49 27.26
N LEU A 151 -32.41 8.85 25.98
CA LEU A 151 -31.19 9.48 25.50
C LEU A 151 -30.99 10.86 26.09
N GLY A 152 -29.72 11.21 26.41
CA GLY A 152 -29.43 12.56 26.86
C GLY A 152 -28.52 12.72 28.07
N GLY A 153 -28.33 11.66 28.86
CA GLY A 153 -27.39 11.67 29.97
C GLY A 153 -27.99 12.07 31.31
N THR A 154 -27.09 12.30 32.28
CA THR A 154 -27.50 12.56 33.67
C THR A 154 -28.25 13.88 33.82
N CYS A 155 -27.73 14.98 33.24
CA CYS A 155 -28.37 16.27 33.44
C CYS A 155 -29.82 16.27 32.92
N VAL A 156 -30.02 15.75 31.71
CA VAL A 156 -31.33 15.78 31.06
C VAL A 156 -32.37 14.96 31.83
N ASN A 157 -31.98 13.76 32.30
CA ASN A 157 -32.92 12.76 32.82
C ASN A 157 -33.02 12.71 34.34
N VAL A 158 -31.89 12.86 35.05
CA VAL A 158 -31.85 12.65 36.50
C VAL A 158 -30.94 13.67 37.18
N GLY A 159 -30.87 14.89 36.64
CA GLY A 159 -29.96 15.91 37.14
C GLY A 159 -30.48 17.33 37.01
N CYS A 160 -29.74 18.19 36.29
CA CYS A 160 -29.97 19.64 36.28
C CYS A 160 -31.44 19.95 35.97
N ILE A 161 -31.98 19.29 34.94
CA ILE A 161 -33.28 19.65 34.35
C ILE A 161 -34.42 19.30 35.31
N PRO A 162 -34.61 18.02 35.75
CA PRO A 162 -35.70 17.77 36.70
C PRO A 162 -35.48 18.42 38.06
N LYS A 163 -34.23 18.53 38.53
CA LYS A 163 -34.04 19.13 39.86
C LYS A 163 -34.40 20.61 39.86
N LYS A 164 -34.06 21.35 38.78
CA LYS A 164 -34.44 22.77 38.79
C LYS A 164 -35.95 22.94 38.59
N LEU A 165 -36.59 22.06 37.82
CA LEU A 165 -38.05 22.12 37.71
C LEU A 165 -38.73 21.85 39.05
N MET A 166 -38.21 20.90 39.83
CA MET A 166 -38.80 20.66 41.16
C MET A 166 -38.47 21.79 42.15
N HIS A 167 -37.28 22.37 42.04
CA HIS A 167 -36.95 23.62 42.76
C HIS A 167 -37.97 24.72 42.47
N GLN A 168 -38.33 24.91 41.19
CA GLN A 168 -39.31 25.93 40.84
C GLN A 168 -40.68 25.64 41.50
N ALA A 169 -41.10 24.37 41.52
CA ALA A 169 -42.35 24.05 42.22
C ALA A 169 -42.26 24.45 43.69
N GLY A 170 -41.10 24.27 44.29
CA GLY A 170 -40.92 24.68 45.68
C GLY A 170 -40.93 26.19 45.85
N LEU A 171 -40.26 26.91 44.94
CA LEU A 171 -40.28 28.38 45.02
C LEU A 171 -41.70 28.94 44.88
N LEU A 172 -42.55 28.27 44.11
CA LEU A 172 -43.92 28.74 43.93
C LEU A 172 -44.73 28.68 45.23
N SER A 173 -44.31 27.84 46.21
CA SER A 173 -44.98 27.88 47.52
C SER A 173 -44.86 29.24 48.18
N HIS A 174 -43.68 29.84 48.15
CA HIS A 174 -43.50 31.13 48.78
C HIS A 174 -44.09 32.24 47.94
N ALA A 175 -44.17 32.05 46.62
CA ALA A 175 -44.89 33.01 45.78
C ALA A 175 -46.37 33.04 46.12
N LEU A 176 -46.97 31.89 46.44
CA LEU A 176 -48.37 31.86 46.86
C LEU A 176 -48.59 32.64 48.16
N GLU A 177 -47.65 32.49 49.11
CA GLU A 177 -47.70 33.26 50.35
C GLU A 177 -47.54 34.75 50.09
N ASP A 178 -46.53 35.13 49.30
CA ASP A 178 -46.31 36.54 49.01
C ASP A 178 -47.51 37.20 48.35
N ALA A 179 -48.26 36.45 47.52
CA ALA A 179 -49.32 37.07 46.75
C ALA A 179 -50.39 37.69 47.63
N GLU A 180 -50.65 37.12 48.83
CA GLU A 180 -51.61 37.71 49.75
C GLU A 180 -51.21 39.13 50.14
N HIS A 181 -49.94 39.33 50.50
CA HIS A 181 -49.50 40.65 50.92
C HIS A 181 -49.55 41.68 49.80
N PHE A 182 -49.42 41.24 48.55
CA PHE A 182 -49.48 42.16 47.42
C PHE A 182 -50.90 42.39 46.92
N GLY A 183 -51.92 41.84 47.60
CA GLY A 183 -53.31 42.16 47.31
C GLY A 183 -54.17 41.04 46.75
N TRP A 184 -53.65 39.85 46.52
CA TRP A 184 -54.44 38.80 45.88
C TRP A 184 -55.26 38.03 46.92
N SER A 185 -56.44 37.54 46.52
CA SER A 185 -57.46 37.04 47.44
C SER A 185 -57.24 35.60 47.94
N LEU A 186 -56.24 34.88 47.47
CA LEU A 186 -56.09 33.48 47.88
C LEU A 186 -55.71 33.34 49.36
N ASP A 187 -55.90 32.12 49.88
CA ASP A 187 -55.51 31.75 51.24
C ASP A 187 -54.54 30.58 51.15
N ARG A 188 -53.25 30.87 51.35
CA ARG A 188 -52.20 29.87 51.18
C ARG A 188 -52.42 28.63 52.05
N SER A 189 -53.02 28.81 53.23
CA SER A 189 -53.15 27.69 54.16
C SER A 189 -54.16 26.64 53.71
N LYS A 190 -54.98 26.90 52.68
CA LYS A 190 -55.89 25.87 52.18
C LYS A 190 -55.41 25.23 50.88
N ILE A 191 -54.19 25.52 50.43
CA ILE A 191 -53.67 24.99 49.17
C ILE A 191 -52.64 23.91 49.49
N SER A 192 -52.73 22.77 48.78
CA SER A 192 -51.81 21.65 48.93
C SER A 192 -51.16 21.29 47.60
N HIS A 193 -50.17 20.41 47.66
CA HIS A 193 -49.40 19.98 46.48
C HIS A 193 -49.63 18.53 46.13
N ASN A 194 -49.68 18.22 44.81
CA ASN A 194 -49.87 16.87 44.30
C ASN A 194 -48.59 16.42 43.61
N TRP A 195 -47.85 15.51 44.25
CA TRP A 195 -46.56 15.05 43.74
C TRP A 195 -46.68 14.43 42.35
N SER A 196 -47.66 13.54 42.16
CA SER A 196 -47.74 12.83 40.88
C SER A 196 -48.06 13.78 39.73
N THR A 197 -48.86 14.83 39.96
CA THR A 197 -49.10 15.81 38.89
C THR A 197 -47.81 16.53 38.48
N MET A 198 -46.99 16.92 39.46
CA MET A 198 -45.70 17.55 39.13
C MET A 198 -44.78 16.60 38.37
N VAL A 199 -44.62 15.37 38.86
CA VAL A 199 -43.77 14.38 38.18
C VAL A 199 -44.23 14.14 36.74
N GLU A 200 -45.54 14.05 36.51
CA GLU A 200 -46.02 13.84 35.15
C GLU A 200 -45.59 14.99 34.23
N GLY A 201 -45.67 16.23 34.72
CA GLY A 201 -45.26 17.35 33.87
C GLY A 201 -43.77 17.39 33.61
N VAL A 202 -42.97 17.12 34.65
CA VAL A 202 -41.51 17.04 34.51
C VAL A 202 -41.12 15.95 33.52
N GLN A 203 -41.74 14.78 33.62
CA GLN A 203 -41.37 13.67 32.74
C GLN A 203 -41.83 13.90 31.30
N SER A 204 -42.93 14.62 31.09
CA SER A 204 -43.31 14.93 29.73
C SER A 204 -42.29 15.87 29.07
N HIS A 205 -41.72 16.82 29.84
CA HIS A 205 -40.65 17.64 29.28
C HIS A 205 -39.39 16.82 29.01
N ILE A 206 -39.00 15.94 29.94
CA ILE A 206 -37.82 15.09 29.71
C ILE A 206 -38.02 14.24 28.46
N GLY A 207 -39.22 13.69 28.27
CA GLY A 207 -39.47 12.91 27.07
C GLY A 207 -39.35 13.71 25.79
N SER A 208 -39.72 15.00 25.83
CA SER A 208 -39.53 15.82 24.64
C SER A 208 -38.04 16.05 24.35
N LEU A 209 -37.20 16.09 25.38
CA LEU A 209 -35.76 16.19 25.18
C LEU A 209 -35.18 14.88 24.64
N ASN A 210 -35.55 13.73 25.23
CA ASN A 210 -35.14 12.43 24.67
C ASN A 210 -35.41 12.39 23.16
N TRP A 211 -36.64 12.70 22.76
CA TRP A 211 -37.03 12.65 21.34
C TRP A 211 -36.24 13.65 20.51
N GLY A 212 -36.08 14.87 21.02
CA GLY A 212 -35.34 15.89 20.28
C GLY A 212 -33.90 15.51 19.99
N TYR A 213 -33.26 14.77 20.92
CA TYR A 213 -31.89 14.35 20.64
C TYR A 213 -31.84 13.27 19.56
N LYS A 214 -32.78 12.33 19.57
CA LYS A 214 -32.79 11.33 18.48
C LYS A 214 -33.03 11.99 17.13
N VAL A 215 -33.91 12.99 17.09
CA VAL A 215 -34.17 13.72 15.85
C VAL A 215 -32.92 14.46 15.38
N ALA A 216 -32.20 15.08 16.30
CA ALA A 216 -30.99 15.82 15.96
C ALA A 216 -29.90 14.92 15.40
N LEU A 217 -29.69 13.73 15.99
CA LEU A 217 -28.68 12.83 15.46
C LEU A 217 -29.07 12.32 14.06
N ARG A 218 -30.33 11.97 13.86
CA ARG A 218 -30.78 11.59 12.52
C ARG A 218 -30.54 12.71 11.50
N ASP A 219 -30.87 13.95 11.87
CA ASP A 219 -30.71 15.07 10.94
C ASP A 219 -29.25 15.47 10.70
N ASN A 220 -28.31 15.00 11.52
CA ASN A 220 -26.88 15.22 11.29
C ASN A 220 -26.19 14.00 10.68
N GLN A 221 -26.96 12.97 10.31
CA GLN A 221 -26.43 11.73 9.72
C GLN A 221 -25.52 10.98 10.68
N VAL A 222 -25.76 11.11 11.99
CA VAL A 222 -25.04 10.36 13.02
C VAL A 222 -25.76 9.05 13.28
N THR A 223 -24.99 7.95 13.37
CA THR A 223 -25.54 6.64 13.72
C THR A 223 -25.72 6.52 15.24
N TYR A 224 -26.96 6.37 15.70
CA TYR A 224 -27.25 6.19 17.12
C TYR A 224 -27.45 4.70 17.41
N LEU A 225 -26.63 4.15 18.31
CA LEU A 225 -26.73 2.75 18.73
C LEU A 225 -27.07 2.72 20.21
N ASN A 226 -28.24 2.18 20.55
CA ASN A 226 -28.63 1.97 21.96
C ASN A 226 -28.03 0.65 22.43
N ALA A 227 -26.74 0.71 22.77
CA ALA A 227 -25.97 -0.47 23.13
C ALA A 227 -24.82 -0.09 24.05
N LYS A 228 -24.40 -1.04 24.88
CA LYS A 228 -23.25 -0.86 25.77
C LYS A 228 -21.96 -1.07 25.00
N GLY A 229 -21.01 -0.15 25.16
CA GLY A 229 -19.74 -0.19 24.45
C GLY A 229 -18.56 -0.46 25.37
N ARG A 230 -17.55 -1.16 24.85
CA ARG A 230 -16.33 -1.47 25.59
C ARG A 230 -15.13 -1.34 24.66
N LEU A 231 -14.15 -0.52 25.05
CA LEU A 231 -12.95 -0.34 24.24
C LEU A 231 -11.98 -1.50 24.51
N ILE A 232 -11.74 -2.32 23.49
CA ILE A 232 -10.93 -3.53 23.65
C ILE A 232 -9.55 -3.41 23.01
N SER A 233 -9.34 -2.45 22.11
CA SER A 233 -8.04 -2.03 21.62
C SER A 233 -8.17 -0.59 21.17
N PRO A 234 -7.06 0.08 20.81
CA PRO A 234 -7.17 1.52 20.48
C PRO A 234 -8.25 1.87 19.45
N HIS A 235 -8.51 1.02 18.46
CA HIS A 235 -9.49 1.32 17.41
C HIS A 235 -10.71 0.40 17.38
N GLU A 236 -10.83 -0.55 18.30
CA GLU A 236 -11.96 -1.50 18.29
C GLU A 236 -12.88 -1.29 19.49
N VAL A 237 -14.18 -1.18 19.22
CA VAL A 237 -15.22 -1.06 20.25
C VAL A 237 -16.14 -2.28 20.15
N GLN A 238 -16.20 -3.06 21.22
CA GLN A 238 -17.15 -4.16 21.34
C GLN A 238 -18.50 -3.63 21.82
N ILE A 239 -19.58 -3.97 21.11
CA ILE A 239 -20.91 -3.49 21.48
C ILE A 239 -21.80 -4.68 21.83
N THR A 240 -22.67 -4.48 22.81
CA THR A 240 -23.64 -5.48 23.25
C THR A 240 -25.00 -4.80 23.28
N ASP A 241 -25.95 -5.33 22.50
CA ASP A 241 -27.26 -4.71 22.35
C ASP A 241 -28.28 -5.31 23.33
N LYS A 242 -29.54 -4.90 23.20
CA LYS A 242 -30.56 -5.28 24.16
C LYS A 242 -31.01 -6.73 24.04
N ASN A 243 -30.68 -7.39 22.93
CA ASN A 243 -30.87 -8.83 22.78
C ASN A 243 -29.63 -9.62 23.14
N GLN A 244 -28.61 -8.93 23.66
CA GLN A 244 -27.31 -9.49 24.05
C GLN A 244 -26.51 -9.99 22.85
N LYS A 245 -26.80 -9.47 21.66
CA LYS A 245 -25.95 -9.70 20.49
C LYS A 245 -24.64 -8.93 20.66
N VAL A 246 -23.52 -9.60 20.40
CA VAL A 246 -22.18 -9.02 20.59
C VAL A 246 -21.52 -8.86 19.23
N SER A 247 -20.91 -7.70 18.98
CA SER A 247 -20.23 -7.42 17.73
C SER A 247 -19.16 -6.35 17.97
N THR A 248 -18.34 -6.09 16.93
CA THR A 248 -17.21 -5.17 17.02
C THR A 248 -17.27 -4.16 15.88
N ILE A 249 -17.15 -2.87 16.20
CA ILE A 249 -17.02 -1.80 15.22
C ILE A 249 -15.67 -1.11 15.43
N THR A 250 -15.14 -0.49 14.38
CA THR A 250 -13.83 0.15 14.43
C THR A 250 -13.95 1.66 14.13
N GLY A 251 -13.09 2.44 14.75
CA GLY A 251 -13.10 3.88 14.54
C GLY A 251 -11.71 4.46 14.59
N ASN A 252 -11.51 5.54 13.84
CA ASN A 252 -10.22 6.23 13.85
C ASN A 252 -9.97 6.91 15.19
N LYS A 253 -10.80 7.89 15.55
CA LYS A 253 -10.74 8.58 16.83
C LYS A 253 -11.84 8.05 17.75
N ILE A 254 -11.54 7.96 19.04
CA ILE A 254 -12.47 7.49 20.07
C ILE A 254 -12.60 8.59 21.13
N ILE A 255 -13.86 8.93 21.48
CA ILE A 255 -14.10 9.86 22.61
C ILE A 255 -14.84 9.09 23.69
N LEU A 256 -14.24 9.03 24.89
CA LEU A 256 -14.88 8.44 26.07
C LEU A 256 -15.67 9.52 26.80
N ALA A 257 -16.97 9.28 27.01
CA ALA A 257 -17.85 10.29 27.60
C ALA A 257 -18.96 9.61 28.40
N THR A 258 -18.59 8.66 29.27
CA THR A 258 -19.53 7.76 29.94
C THR A 258 -20.02 8.24 31.31
N GLY A 259 -19.51 9.36 31.83
CA GLY A 259 -20.09 9.91 33.07
C GLY A 259 -19.91 9.05 34.33
N GLU A 260 -20.75 9.35 35.34
CA GLU A 260 -20.68 8.72 36.66
C GLU A 260 -22.08 8.26 37.09
N ARG A 261 -22.15 7.52 38.20
CA ARG A 261 -23.40 7.12 38.81
C ARG A 261 -23.29 7.26 40.34
N PRO A 262 -24.42 7.28 41.05
CA PRO A 262 -24.37 7.47 42.51
C PRO A 262 -23.72 6.30 43.26
N LYS A 263 -23.02 6.65 44.34
CA LYS A 263 -22.46 5.71 45.33
C LYS A 263 -23.50 5.31 46.38
N TYR A 264 -23.35 4.10 46.94
CA TYR A 264 -24.06 3.66 48.15
C TYR A 264 -23.06 3.36 49.26
N PRO A 265 -23.39 3.65 50.52
CA PRO A 265 -22.53 3.19 51.62
C PRO A 265 -22.62 1.69 51.80
N GLU A 266 -21.54 1.10 52.31
CA GLU A 266 -21.49 -0.34 52.58
C GLU A 266 -22.06 -0.64 53.97
N ILE A 267 -23.39 -0.54 54.06
CA ILE A 267 -24.11 -0.90 55.28
C ILE A 267 -25.28 -1.82 54.93
N PRO A 268 -25.74 -2.66 55.85
CA PRO A 268 -26.89 -3.53 55.56
C PRO A 268 -28.15 -2.73 55.25
N GLY A 269 -28.85 -3.13 54.19
CA GLY A 269 -30.12 -2.52 53.84
C GLY A 269 -30.05 -1.32 52.89
N ALA A 270 -28.86 -0.79 52.59
CA ALA A 270 -28.80 0.45 51.81
C ALA A 270 -29.28 0.23 50.37
N VAL A 271 -28.71 -0.77 49.69
CA VAL A 271 -29.08 -1.04 48.31
C VAL A 271 -30.49 -1.60 48.22
N GLU A 272 -30.89 -2.42 49.20
CA GLU A 272 -32.20 -3.06 49.16
C GLU A 272 -33.34 -2.07 49.43
N TYR A 273 -33.18 -1.13 50.36
CA TYR A 273 -34.33 -0.36 50.84
C TYR A 273 -34.25 1.15 50.63
N GLY A 274 -33.08 1.71 50.37
CA GLY A 274 -32.95 3.12 50.04
C GLY A 274 -33.00 3.37 48.54
N ILE A 275 -32.99 4.67 48.17
CA ILE A 275 -32.94 5.11 46.77
C ILE A 275 -31.89 6.21 46.62
N THR A 276 -31.67 6.66 45.38
CA THR A 276 -30.78 7.80 45.10
C THR A 276 -31.52 8.80 44.21
N SER A 277 -30.83 9.90 43.86
CA SER A 277 -31.39 10.85 42.90
C SER A 277 -31.79 10.20 41.57
N ASP A 278 -31.12 9.11 41.16
CA ASP A 278 -31.51 8.40 39.93
C ASP A 278 -32.97 7.97 39.96
N ASP A 279 -33.48 7.61 41.15
CA ASP A 279 -34.85 7.12 41.31
C ASP A 279 -35.84 8.24 41.62
N LEU A 280 -35.37 9.33 42.24
CA LEU A 280 -36.26 10.33 42.80
C LEU A 280 -37.10 11.04 41.74
N PHE A 281 -36.50 11.35 40.60
CA PHE A 281 -37.15 12.28 39.69
C PHE A 281 -38.28 11.66 38.87
N SER A 282 -38.44 10.33 38.91
CA SER A 282 -39.58 9.65 38.30
C SER A 282 -40.41 8.83 39.28
N LEU A 283 -40.23 9.05 40.59
CA LEU A 283 -40.88 8.21 41.60
C LEU A 283 -42.40 8.34 41.50
N PRO A 284 -43.14 7.22 41.43
CA PRO A 284 -44.60 7.32 41.20
C PRO A 284 -45.42 7.76 42.41
N TYR A 285 -44.86 7.73 43.64
CA TYR A 285 -45.51 8.17 44.87
C TYR A 285 -44.66 9.25 45.55
N PHE A 286 -45.32 10.09 46.35
CA PHE A 286 -44.60 11.09 47.15
C PHE A 286 -43.72 10.36 48.16
N PRO A 287 -42.48 10.78 48.34
CA PRO A 287 -41.59 10.08 49.28
C PRO A 287 -42.11 10.02 50.71
N GLY A 288 -42.97 10.97 51.12
CA GLY A 288 -43.41 11.00 52.51
C GLY A 288 -42.32 11.52 53.44
N LYS A 289 -42.37 11.09 54.70
CA LYS A 289 -41.34 11.49 55.67
C LYS A 289 -39.99 10.91 55.24
N THR A 290 -38.98 11.79 55.02
CA THR A 290 -37.77 11.45 54.26
C THR A 290 -36.51 11.77 55.04
N LEU A 291 -35.53 10.87 54.98
CA LEU A 291 -34.17 11.12 55.44
C LEU A 291 -33.24 11.20 54.22
N VAL A 292 -32.50 12.31 54.10
CA VAL A 292 -31.44 12.43 53.10
C VAL A 292 -30.11 12.24 53.81
N ILE A 293 -29.32 11.26 53.37
CA ILE A 293 -28.00 10.98 53.97
C ILE A 293 -26.94 11.59 53.06
N GLY A 294 -26.18 12.55 53.58
CA GLY A 294 -25.20 13.26 52.79
C GLY A 294 -25.35 14.77 52.93
N ALA A 295 -24.37 15.49 52.36
CA ALA A 295 -24.29 16.93 52.55
C ALA A 295 -23.73 17.66 51.33
N SER A 296 -23.70 17.00 50.18
CA SER A 296 -23.33 17.58 48.89
C SER A 296 -24.40 18.56 48.41
N TYR A 297 -24.12 19.23 47.29
CA TYR A 297 -25.16 20.09 46.73
C TYR A 297 -26.39 19.28 46.28
N VAL A 298 -26.18 18.04 45.83
CA VAL A 298 -27.31 17.19 45.46
C VAL A 298 -28.18 16.91 46.68
N ALA A 299 -27.55 16.57 47.81
CA ALA A 299 -28.30 16.31 49.04
C ALA A 299 -29.13 17.52 49.47
N LEU A 300 -28.50 18.71 49.49
CA LEU A 300 -29.21 19.87 50.03
C LEU A 300 -30.27 20.40 49.06
N GLU A 301 -30.02 20.30 47.75
CA GLU A 301 -31.04 20.72 46.78
C GLU A 301 -32.29 19.86 46.88
N CYS A 302 -32.11 18.54 46.98
CA CYS A 302 -33.27 17.64 47.06
C CYS A 302 -34.01 17.81 48.39
N ALA A 303 -33.28 17.88 49.51
CA ALA A 303 -33.94 18.12 50.79
C ALA A 303 -34.72 19.42 50.76
N GLY A 304 -34.14 20.44 50.13
CA GLY A 304 -34.77 21.75 50.09
C GLY A 304 -36.12 21.75 49.39
N PHE A 305 -36.18 21.19 48.16
CA PHE A 305 -37.48 21.27 47.49
C PHE A 305 -38.48 20.31 48.11
N LEU A 306 -38.05 19.16 48.66
CA LEU A 306 -39.00 18.28 49.32
C LEU A 306 -39.67 18.98 50.50
N ALA A 307 -38.92 19.78 51.26
CA ALA A 307 -39.50 20.52 52.38
C ALA A 307 -40.47 21.59 51.91
N SER A 308 -40.12 22.34 50.87
CA SER A 308 -41.03 23.35 50.33
C SER A 308 -42.32 22.75 49.76
N LEU A 309 -42.29 21.50 49.30
CA LEU A 309 -43.53 20.87 48.84
C LEU A 309 -44.36 20.27 49.97
N GLY A 310 -44.01 20.57 51.22
CA GLY A 310 -44.77 20.11 52.37
C GLY A 310 -44.28 18.86 53.04
N GLY A 311 -43.06 18.39 52.74
CA GLY A 311 -42.55 17.16 53.31
C GLY A 311 -41.88 17.36 54.67
N ASP A 312 -41.87 16.27 55.45
CA ASP A 312 -41.13 16.17 56.71
C ASP A 312 -39.76 15.60 56.36
N VAL A 313 -38.73 16.45 56.37
CA VAL A 313 -37.40 16.13 55.84
C VAL A 313 -36.32 16.33 56.90
N THR A 314 -35.42 15.34 57.01
CA THR A 314 -34.21 15.40 57.84
C THR A 314 -32.97 15.14 56.97
N VAL A 315 -31.86 15.85 57.24
CA VAL A 315 -30.59 15.63 56.54
C VAL A 315 -29.57 15.13 57.57
N MET A 316 -28.89 14.01 57.28
CA MET A 316 -27.87 13.42 58.15
C MET A 316 -26.47 13.79 57.63
N VAL A 317 -25.74 14.61 58.40
CA VAL A 317 -24.47 15.22 57.99
C VAL A 317 -23.31 14.58 58.76
N ARG A 318 -22.37 13.95 58.04
CA ARG A 318 -21.22 13.30 58.68
C ARG A 318 -20.29 14.31 59.36
N SER A 319 -19.95 15.40 58.65
CA SER A 319 -19.06 16.42 59.20
C SER A 319 -19.55 17.84 58.88
N ILE A 320 -19.32 18.32 57.66
CA ILE A 320 -19.68 19.69 57.26
C ILE A 320 -20.59 19.68 56.03
N LEU A 321 -21.20 20.84 55.76
CA LEU A 321 -22.01 21.03 54.56
C LEU A 321 -21.13 21.50 53.41
N LEU A 322 -21.42 21.01 52.20
CA LEU A 322 -20.81 21.53 50.97
C LEU A 322 -19.27 21.58 51.07
N ARG A 323 -18.65 20.46 51.45
CA ARG A 323 -17.19 20.40 51.49
C ARG A 323 -16.61 20.80 50.14
N GLY A 324 -15.61 21.69 50.18
CA GLY A 324 -14.97 22.22 49.00
C GLY A 324 -15.49 23.57 48.53
N PHE A 325 -16.67 23.98 48.99
CA PHE A 325 -17.20 25.33 48.83
C PHE A 325 -16.80 26.21 50.02
N ASP A 326 -16.80 27.53 49.78
CA ASP A 326 -16.61 28.52 50.85
C ASP A 326 -17.49 28.20 52.06
N GLN A 327 -16.88 27.99 53.24
CA GLN A 327 -17.62 27.47 54.37
C GLN A 327 -18.46 28.51 55.11
N GLN A 328 -18.10 29.81 55.03
CA GLN A 328 -19.02 30.84 55.54
C GLN A 328 -20.33 30.82 54.74
N MET A 329 -20.23 30.74 53.41
CA MET A 329 -21.44 30.67 52.60
C MET A 329 -22.20 29.37 52.82
N ALA A 330 -21.48 28.24 52.97
CA ALA A 330 -22.18 26.97 53.20
C ALA A 330 -22.99 26.99 54.50
N GLU A 331 -22.44 27.57 55.57
CA GLU A 331 -23.16 27.65 56.82
C GLU A 331 -24.39 28.57 56.71
N LYS A 332 -24.30 29.67 55.94
CA LYS A 332 -25.47 30.53 55.74
C LYS A 332 -26.57 29.79 54.95
N VAL A 333 -26.17 28.98 53.97
CA VAL A 333 -27.12 28.17 53.20
C VAL A 333 -27.87 27.24 54.14
N GLY A 334 -27.13 26.53 55.00
CA GLY A 334 -27.77 25.58 55.90
C GLY A 334 -28.62 26.24 56.97
N ASP A 335 -28.16 27.37 57.53
CA ASP A 335 -28.97 28.10 58.52
C ASP A 335 -30.32 28.51 57.94
N TYR A 336 -30.35 28.95 56.68
CA TYR A 336 -31.64 29.33 56.07
C TYR A 336 -32.56 28.12 55.97
N MET A 337 -32.04 26.98 55.47
CA MET A 337 -32.85 25.77 55.38
C MET A 337 -33.39 25.34 56.75
N GLU A 338 -32.56 25.41 57.80
CA GLU A 338 -33.00 24.99 59.13
C GLU A 338 -34.08 25.93 59.69
N ASN A 339 -34.00 27.22 59.37
CA ASN A 339 -35.03 28.17 59.80
C ASN A 339 -36.32 28.01 59.02
N HIS A 340 -36.29 27.37 57.85
CA HIS A 340 -37.48 27.16 57.03
C HIS A 340 -37.82 25.69 56.87
N GLY A 341 -37.66 24.91 57.95
CA GLY A 341 -38.33 23.63 58.07
C GLY A 341 -37.57 22.39 57.62
N VAL A 342 -36.25 22.48 57.42
CA VAL A 342 -35.43 21.28 57.21
C VAL A 342 -34.74 20.96 58.53
N LYS A 343 -34.84 19.69 58.96
CA LYS A 343 -34.17 19.26 60.18
C LYS A 343 -32.82 18.65 59.84
N PHE A 344 -31.86 18.80 60.76
CA PHE A 344 -30.49 18.32 60.55
C PHE A 344 -30.06 17.45 61.72
N ALA A 345 -29.50 16.28 61.40
CA ALA A 345 -28.82 15.43 62.38
C ALA A 345 -27.32 15.54 62.11
N LYS A 346 -26.64 16.35 62.93
CA LYS A 346 -25.27 16.80 62.69
C LYS A 346 -24.26 15.88 63.36
N LEU A 347 -23.12 15.68 62.70
CA LEU A 347 -22.04 14.81 63.17
C LEU A 347 -22.53 13.37 63.36
N CYS A 348 -23.16 12.83 62.32
CA CYS A 348 -23.91 11.57 62.45
C CYS A 348 -23.77 10.73 61.18
N VAL A 349 -23.68 9.41 61.34
CA VAL A 349 -23.61 8.50 60.18
C VAL A 349 -24.52 7.30 60.39
N PRO A 350 -24.97 6.68 59.29
CA PRO A 350 -25.86 5.50 59.40
C PRO A 350 -25.11 4.19 59.50
N ASP A 351 -25.69 3.26 60.28
CA ASP A 351 -25.15 1.92 60.47
C ASP A 351 -25.96 0.81 59.80
N GLU A 352 -27.28 0.96 59.67
CA GLU A 352 -28.10 -0.05 59.01
C GLU A 352 -29.50 0.49 58.72
N ILE A 353 -30.13 -0.05 57.66
CA ILE A 353 -31.52 0.24 57.29
C ILE A 353 -32.31 -1.06 57.41
N LYS A 354 -33.37 -1.06 58.24
CA LYS A 354 -34.25 -2.20 58.42
C LYS A 354 -35.62 -1.93 57.78
N GLN A 355 -36.19 -2.95 57.13
CA GLN A 355 -37.48 -2.81 56.46
C GLN A 355 -38.63 -3.12 57.42
N LEU A 356 -39.55 -2.17 57.56
CA LEU A 356 -40.76 -2.34 58.35
C LEU A 356 -42.01 -2.54 57.49
N LYS A 357 -42.07 -1.92 56.31
CA LYS A 357 -43.12 -2.17 55.32
C LYS A 357 -42.53 -2.14 53.92
N VAL A 358 -43.04 -3.03 53.04
CA VAL A 358 -42.68 -3.04 51.62
C VAL A 358 -43.42 -1.91 50.90
N VAL A 359 -42.81 -1.36 49.85
CA VAL A 359 -43.46 -0.32 49.04
C VAL A 359 -44.77 -0.85 48.48
N ASP A 360 -45.82 -0.04 48.57
CA ASP A 360 -47.19 -0.44 48.20
C ASP A 360 -47.39 -0.01 46.75
N THR A 361 -47.08 -0.92 45.83
CA THR A 361 -47.16 -0.60 44.41
C THR A 361 -48.61 -0.45 43.95
N GLU A 362 -49.55 -1.14 44.61
CA GLU A 362 -50.95 -1.06 44.22
C GLU A 362 -51.53 0.31 44.59
N ASN A 363 -51.61 0.62 45.88
CA ASN A 363 -52.17 1.89 46.33
C ASN A 363 -51.22 3.06 46.16
N ASN A 364 -50.05 2.85 45.56
CA ASN A 364 -49.12 3.92 45.19
C ASN A 364 -48.68 4.72 46.43
N LYS A 365 -48.01 4.02 47.34
CA LYS A 365 -47.57 4.56 48.62
C LYS A 365 -46.18 4.02 48.93
N PRO A 366 -45.35 4.79 49.66
CA PRO A 366 -44.03 4.28 50.05
C PRO A 366 -44.16 3.21 51.12
N GLY A 367 -43.02 2.58 51.42
CA GLY A 367 -42.91 1.67 52.54
C GLY A 367 -42.60 2.38 53.84
N LEU A 368 -41.87 1.70 54.71
CA LEU A 368 -41.50 2.25 56.03
C LEU A 368 -40.20 1.57 56.47
N LEU A 369 -39.28 2.37 57.02
CA LEU A 369 -37.92 1.92 57.26
C LEU A 369 -37.48 2.35 58.66
N LEU A 370 -36.64 1.54 59.31
CA LEU A 370 -36.03 1.96 60.57
C LEU A 370 -34.54 2.22 60.34
N VAL A 371 -34.09 3.44 60.65
CA VAL A 371 -32.69 3.81 60.42
C VAL A 371 -31.96 3.85 61.76
N LYS A 372 -30.85 3.10 61.85
CA LYS A 372 -30.00 3.12 63.04
C LYS A 372 -28.65 3.72 62.67
N GLY A 373 -28.14 4.62 63.52
CA GLY A 373 -26.85 5.25 63.28
C GLY A 373 -26.17 5.71 64.57
N HIS A 374 -25.08 6.48 64.49
CA HIS A 374 -24.47 7.02 65.70
C HIS A 374 -23.78 8.36 65.42
N TYR A 375 -23.75 9.20 66.45
CA TYR A 375 -23.04 10.48 66.45
C TYR A 375 -21.56 10.28 66.80
N THR A 376 -20.74 11.31 66.50
CA THR A 376 -19.30 11.10 66.61
C THR A 376 -18.86 10.86 68.05
N ASP A 377 -19.65 11.28 69.03
CA ASP A 377 -19.33 11.02 70.43
C ASP A 377 -19.80 9.65 70.90
N GLY A 378 -20.47 8.88 70.03
CA GLY A 378 -20.91 7.55 70.34
C GLY A 378 -22.38 7.41 70.71
N LYS A 379 -23.10 8.51 70.89
CA LYS A 379 -24.52 8.40 71.18
C LYS A 379 -25.27 7.85 69.98
N LYS A 380 -26.42 7.22 70.23
CA LYS A 380 -27.12 6.46 69.19
C LYS A 380 -28.19 7.30 68.49
N PHE A 381 -28.41 6.98 67.21
CA PHE A 381 -29.50 7.53 66.41
C PHE A 381 -30.43 6.38 66.03
N GLU A 382 -31.73 6.56 66.22
CA GLU A 382 -32.73 5.57 65.79
C GLU A 382 -34.06 6.27 65.52
N GLU A 383 -34.54 6.21 64.27
CA GLU A 383 -35.78 6.89 63.89
C GLU A 383 -36.35 6.22 62.64
N GLU A 384 -37.68 6.31 62.47
CA GLU A 384 -38.42 5.74 61.34
C GLU A 384 -38.64 6.76 60.23
N PHE A 385 -38.52 6.31 58.96
CA PHE A 385 -38.78 7.16 57.79
C PHE A 385 -39.49 6.35 56.72
N GLU A 386 -40.26 7.04 55.86
CA GLU A 386 -40.88 6.34 54.73
C GLU A 386 -39.91 6.15 53.56
N THR A 387 -39.01 7.10 53.33
CA THR A 387 -38.05 7.06 52.24
C THR A 387 -36.67 7.48 52.75
N VAL A 388 -35.62 6.80 52.29
CA VAL A 388 -34.24 7.14 52.62
C VAL A 388 -33.48 7.36 51.32
N ILE A 389 -32.93 8.56 51.13
CA ILE A 389 -32.22 8.93 49.91
C ILE A 389 -30.73 9.05 50.22
N PHE A 390 -29.89 8.30 49.50
CA PHE A 390 -28.44 8.40 49.66
C PHE A 390 -27.89 9.39 48.64
N ALA A 391 -27.17 10.42 49.13
CA ALA A 391 -26.44 11.39 48.31
C ALA A 391 -25.03 11.53 48.89
N VAL A 392 -24.23 10.48 48.73
CA VAL A 392 -22.90 10.39 49.33
C VAL A 392 -21.79 10.32 48.26
N GLY A 393 -22.00 10.97 47.14
CA GLY A 393 -20.99 11.07 46.08
C GLY A 393 -21.37 10.24 44.86
N ARG A 394 -20.58 10.44 43.79
CA ARG A 394 -20.74 9.77 42.50
C ARG A 394 -19.37 9.28 42.02
N GLU A 395 -19.38 8.25 41.17
CA GLU A 395 -18.12 7.65 40.74
C GLU A 395 -18.25 7.07 39.34
N PRO A 396 -17.17 7.06 38.56
CA PRO A 396 -17.21 6.38 37.27
C PRO A 396 -16.97 4.90 37.52
N GLN A 397 -17.18 4.10 36.51
CA GLN A 397 -16.83 2.71 36.68
C GLN A 397 -16.24 2.23 35.35
N LEU A 398 -15.03 2.72 35.08
CA LEU A 398 -14.41 2.52 33.77
C LEU A 398 -13.90 1.11 33.56
N SER A 399 -13.84 0.28 34.60
CA SER A 399 -13.59 -1.14 34.39
C SER A 399 -14.65 -1.76 33.47
N LYS A 400 -15.87 -1.22 33.48
CA LYS A 400 -16.94 -1.66 32.58
C LYS A 400 -16.77 -1.15 31.16
N VAL A 401 -15.98 -0.09 30.96
CA VAL A 401 -15.91 0.60 29.68
C VAL A 401 -14.60 0.30 28.94
N LEU A 402 -13.56 -0.14 29.64
CA LEU A 402 -12.20 0.04 29.14
C LEU A 402 -11.37 -1.17 29.57
N CYS A 403 -11.00 -2.01 28.61
CA CYS A 403 -10.06 -3.10 28.91
C CYS A 403 -8.73 -2.56 29.38
N GLU A 404 -8.16 -3.20 30.42
CA GLU A 404 -6.92 -2.71 31.01
C GLU A 404 -5.74 -2.78 30.03
N THR A 405 -5.80 -3.68 29.04
CA THR A 405 -4.71 -3.85 28.09
C THR A 405 -4.65 -2.74 27.05
N VAL A 406 -5.66 -1.88 26.96
CA VAL A 406 -5.61 -0.81 25.98
C VAL A 406 -4.51 0.19 26.32
N GLY A 407 -4.25 0.41 27.60
CA GLY A 407 -3.22 1.33 28.02
C GLY A 407 -3.67 2.74 28.37
N VAL A 408 -4.95 2.96 28.66
CA VAL A 408 -5.44 4.27 29.09
C VAL A 408 -5.21 4.42 30.60
N LYS A 409 -4.49 5.47 30.99
CA LYS A 409 -4.08 5.63 32.38
C LYS A 409 -5.19 6.29 33.18
N LEU A 410 -5.46 5.75 34.38
CA LEU A 410 -6.43 6.29 35.32
C LEU A 410 -5.73 6.78 36.58
N ASP A 411 -6.39 7.70 37.29
CA ASP A 411 -5.85 8.16 38.56
C ASP A 411 -6.40 7.32 39.71
N LYS A 412 -6.05 7.69 40.95
CA LYS A 412 -6.40 6.88 42.10
C LYS A 412 -7.91 6.79 42.31
N ASN A 413 -8.66 7.77 41.82
CA ASN A 413 -10.12 7.79 41.90
C ASN A 413 -10.80 7.16 40.70
N GLY A 414 -10.04 6.58 39.77
CA GLY A 414 -10.64 5.93 38.63
C GLY A 414 -11.03 6.85 37.48
N ARG A 415 -10.58 8.09 37.47
CA ARG A 415 -10.86 9.01 36.36
C ARG A 415 -9.68 9.01 35.39
N VAL A 416 -9.91 9.53 34.16
CA VAL A 416 -8.96 9.43 33.05
C VAL A 416 -7.96 10.58 33.10
N VAL A 417 -6.66 10.27 33.06
CA VAL A 417 -5.62 11.30 33.06
C VAL A 417 -5.39 11.83 31.65
N CYS A 418 -5.66 13.12 31.44
CA CYS A 418 -5.64 13.74 30.13
C CYS A 418 -4.68 14.92 30.04
N THR A 419 -4.17 15.15 28.83
CA THR A 419 -3.50 16.39 28.47
C THR A 419 -4.52 17.54 28.41
N ASP A 420 -3.98 18.76 28.25
CA ASP A 420 -4.82 19.96 28.13
C ASP A 420 -5.62 20.04 26.84
N ASP A 421 -5.47 19.06 25.93
CA ASP A 421 -6.32 18.95 24.76
C ASP A 421 -7.19 17.67 24.79
N GLU A 422 -7.45 17.16 25.99
CA GLU A 422 -8.29 16.00 26.31
C GLU A 422 -7.72 14.66 25.82
N GLN A 423 -6.46 14.62 25.37
CA GLN A 423 -5.88 13.36 24.89
C GLN A 423 -5.48 12.45 26.06
N THR A 424 -5.82 11.15 25.96
CA THR A 424 -5.39 10.16 26.94
C THR A 424 -3.96 9.71 26.63
N THR A 425 -3.46 8.70 27.36
CA THR A 425 -2.14 8.12 27.07
C THR A 425 -2.12 7.26 25.81
N VAL A 426 -3.28 7.07 25.16
CA VAL A 426 -3.38 6.39 23.87
C VAL A 426 -3.75 7.45 22.84
N SER A 427 -2.91 7.60 21.80
CA SER A 427 -2.87 8.87 21.05
C SER A 427 -4.17 9.19 20.30
N ASN A 428 -4.96 8.19 19.93
CA ASN A 428 -6.21 8.42 19.19
C ASN A 428 -7.44 8.45 20.08
N VAL A 429 -7.28 8.32 21.41
CA VAL A 429 -8.39 8.20 22.37
C VAL A 429 -8.41 9.45 23.25
N TYR A 430 -9.60 10.05 23.40
CA TYR A 430 -9.80 11.29 24.16
C TYR A 430 -10.89 11.07 25.19
N ALA A 431 -10.91 11.90 26.25
CA ALA A 431 -11.94 11.80 27.29
C ALA A 431 -12.48 13.18 27.65
N ILE A 432 -13.81 13.28 27.86
CA ILE A 432 -14.47 14.54 28.16
C ILE A 432 -15.51 14.35 29.27
N GLY A 433 -15.89 15.46 29.91
CA GLY A 433 -16.98 15.40 30.87
C GLY A 433 -16.51 14.95 32.25
N ASP A 434 -17.45 14.35 33.01
CA ASP A 434 -17.15 14.06 34.41
C ASP A 434 -15.99 13.07 34.59
N ILE A 435 -15.69 12.22 33.61
CA ILE A 435 -14.58 11.26 33.81
C ILE A 435 -13.21 11.85 33.56
N ASN A 436 -13.10 13.11 33.13
CA ASN A 436 -11.78 13.71 32.86
C ASN A 436 -11.21 14.21 34.19
N ALA A 437 -10.10 13.60 34.64
CA ALA A 437 -9.60 13.86 35.99
C ALA A 437 -9.24 15.33 36.20
N GLY A 438 -9.64 15.87 37.36
CA GLY A 438 -9.26 17.21 37.78
C GLY A 438 -10.10 18.35 37.24
N LYS A 439 -11.13 18.07 36.42
CA LYS A 439 -11.94 19.11 35.78
C LYS A 439 -13.24 19.33 36.54
N PRO A 440 -13.78 20.56 36.55
CA PRO A 440 -15.11 20.78 37.17
C PRO A 440 -16.16 19.90 36.49
N GLN A 441 -17.04 19.30 37.31
CA GLN A 441 -18.00 18.31 36.80
C GLN A 441 -19.35 18.99 36.57
N LEU A 442 -19.45 19.67 35.42
CA LEU A 442 -20.60 20.52 35.11
C LEU A 442 -21.02 20.32 33.65
N THR A 443 -22.33 20.43 33.39
CA THR A 443 -22.81 20.22 32.03
C THR A 443 -22.24 21.21 31.00
N PRO A 444 -22.20 22.53 31.25
CA PRO A 444 -21.65 23.42 30.21
C PRO A 444 -20.16 23.23 29.98
N VAL A 445 -19.42 22.70 30.96
CA VAL A 445 -18.01 22.38 30.76
C VAL A 445 -17.88 21.21 29.78
N ALA A 446 -18.69 20.16 29.97
CA ALA A 446 -18.64 19.00 29.09
C ALA A 446 -19.03 19.35 27.66
N ILE A 447 -20.02 20.24 27.50
CA ILE A 447 -20.44 20.67 26.16
C ILE A 447 -19.32 21.44 25.46
N GLN A 448 -18.72 22.42 26.15
CA GLN A 448 -17.62 23.19 25.56
C GLN A 448 -16.44 22.29 25.19
N ALA A 449 -16.08 21.36 26.08
CA ALA A 449 -14.97 20.46 25.80
C ALA A 449 -15.24 19.60 24.58
N GLY A 450 -16.46 19.05 24.47
CA GLY A 450 -16.79 18.20 23.35
C GLY A 450 -16.83 18.95 22.03
N ARG A 451 -17.46 20.14 22.01
CA ARG A 451 -17.55 20.90 20.76
C ARG A 451 -16.16 21.37 20.31
N TYR A 452 -15.36 21.91 21.25
CA TYR A 452 -14.04 22.42 20.90
C TYR A 452 -13.12 21.29 20.43
N LEU A 453 -13.21 20.10 21.05
CA LEU A 453 -12.39 18.96 20.63
C LEU A 453 -12.76 18.49 19.21
N ALA A 454 -14.05 18.39 18.90
CA ALA A 454 -14.46 17.98 17.55
C ALA A 454 -13.92 18.94 16.50
N ARG A 455 -13.88 20.24 16.81
CA ARG A 455 -13.34 21.21 15.85
C ARG A 455 -11.83 21.04 15.65
N ARG A 456 -11.10 20.72 16.73
CA ARG A 456 -9.66 20.46 16.57
C ARG A 456 -9.40 19.20 15.76
N LEU A 457 -10.18 18.13 15.98
CA LEU A 457 -9.96 16.88 15.25
C LEU A 457 -10.32 16.99 13.77
N PHE A 458 -11.43 17.66 13.44
CA PHE A 458 -11.96 17.53 12.09
C PHE A 458 -12.02 18.83 11.30
N ALA A 459 -11.65 19.98 11.89
CA ALA A 459 -11.66 21.24 11.15
C ALA A 459 -10.40 22.06 11.34
N GLY A 460 -9.32 21.47 11.87
CA GLY A 460 -8.07 22.20 12.01
C GLY A 460 -8.08 23.31 13.04
N ALA A 461 -9.06 23.35 13.95
CA ALA A 461 -9.08 24.40 14.95
C ALA A 461 -7.94 24.22 15.96
N THR A 462 -7.60 25.32 16.66
CA THR A 462 -6.55 25.27 17.68
C THR A 462 -7.05 25.60 19.10
N GLU A 463 -8.25 26.14 19.24
CA GLU A 463 -8.72 26.65 20.54
C GLU A 463 -8.91 25.52 21.55
N LEU A 464 -8.36 25.71 22.75
CA LEU A 464 -8.55 24.81 23.88
C LEU A 464 -9.69 25.29 24.78
N THR A 465 -10.25 24.37 25.56
CA THR A 465 -11.19 24.72 26.63
C THR A 465 -10.44 25.29 27.84
N ASP A 466 -10.95 26.39 28.41
CA ASP A 466 -10.38 27.03 29.59
C ASP A 466 -11.22 26.59 30.81
N TYR A 467 -10.61 25.83 31.71
CA TYR A 467 -11.30 25.27 32.85
C TYR A 467 -11.18 26.11 34.13
N SER A 468 -10.58 27.30 34.06
CA SER A 468 -10.34 28.12 35.24
C SER A 468 -11.50 29.08 35.54
N ASN A 469 -11.75 29.31 36.84
CA ASN A 469 -12.76 30.27 37.30
C ASN A 469 -14.15 30.03 36.66
N VAL A 470 -14.56 28.77 36.58
CA VAL A 470 -15.87 28.45 36.00
C VAL A 470 -16.93 28.64 37.09
N ALA A 471 -17.91 29.50 36.82
CA ALA A 471 -18.90 29.84 37.84
C ALA A 471 -19.90 28.69 38.08
N THR A 472 -20.52 28.70 39.27
CA THR A 472 -21.40 27.63 39.75
C THR A 472 -22.62 28.24 40.43
N THR A 473 -23.72 27.48 40.51
CA THR A 473 -24.83 27.87 41.38
C THR A 473 -25.44 26.63 42.02
N VAL A 474 -25.64 26.71 43.36
CA VAL A 474 -26.34 25.69 44.15
C VAL A 474 -27.79 26.15 44.33
N PHE A 475 -28.73 25.32 43.86
CA PHE A 475 -30.13 25.73 43.80
C PHE A 475 -30.88 25.24 45.04
N THR A 476 -30.35 25.64 46.22
CA THR A 476 -31.02 25.46 47.51
C THR A 476 -32.18 26.47 47.64
N PRO A 477 -33.05 26.32 48.66
CA PRO A 477 -34.23 27.20 48.75
C PRO A 477 -33.90 28.69 48.66
N LEU A 478 -32.81 29.13 49.31
CA LEU A 478 -32.13 30.38 48.97
C LEU A 478 -30.86 30.01 48.21
N GLU A 479 -30.73 30.51 46.98
CA GLU A 479 -29.70 30.06 46.04
C GLU A 479 -28.33 30.67 46.37
N TYR A 480 -27.25 29.94 46.03
CA TYR A 480 -25.87 30.36 46.29
C TYR A 480 -25.05 30.30 44.99
N GLY A 481 -24.62 31.47 44.48
CA GLY A 481 -23.82 31.55 43.27
C GLY A 481 -22.39 31.94 43.60
N ALA A 482 -21.42 31.41 42.83
CA ALA A 482 -20.02 31.72 43.10
C ALA A 482 -19.19 31.67 41.82
N CYS A 483 -18.10 32.45 41.79
CA CYS A 483 -17.13 32.38 40.70
C CYS A 483 -15.75 32.67 41.27
N GLY A 484 -14.85 31.68 41.22
CA GLY A 484 -13.49 31.89 41.67
C GLY A 484 -13.20 31.25 43.02
N LEU A 485 -12.23 31.78 43.76
CA LEU A 485 -11.76 31.16 44.99
C LEU A 485 -12.67 31.42 46.18
N SER A 486 -12.78 30.43 47.07
CA SER A 486 -13.33 30.68 48.40
C SER A 486 -12.38 31.59 49.18
N GLU A 487 -12.90 32.20 50.24
CA GLU A 487 -12.07 33.09 51.05
C GLU A 487 -10.94 32.32 51.72
N GLU A 488 -11.21 31.11 52.21
CA GLU A 488 -10.14 30.34 52.88
C GLU A 488 -9.08 29.84 51.89
N ASP A 489 -9.47 29.52 50.65
CA ASP A 489 -8.44 29.16 49.66
C ASP A 489 -7.60 30.38 49.27
N ALA A 490 -8.21 31.57 49.19
CA ALA A 490 -7.44 32.76 48.86
C ALA A 490 -6.39 33.05 49.92
N ILE A 491 -6.78 32.96 51.20
CA ILE A 491 -5.87 33.22 52.33
C ILE A 491 -4.75 32.18 52.38
N GLU A 492 -5.07 30.91 52.12
CA GLU A 492 -4.03 29.88 52.11
C GLU A 492 -3.00 30.11 51.00
N LYS A 493 -3.44 30.61 49.83
CA LYS A 493 -2.55 30.77 48.68
C LYS A 493 -1.68 32.02 48.80
N TYR A 494 -2.21 33.12 49.32
CA TYR A 494 -1.51 34.41 49.33
C TYR A 494 -1.20 34.97 50.70
N GLY A 495 -1.74 34.41 51.78
CA GLY A 495 -1.57 34.91 53.12
C GLY A 495 -2.59 35.96 53.48
N ASP A 496 -2.94 36.00 54.76
CA ASP A 496 -4.02 36.87 55.24
C ASP A 496 -3.74 38.35 55.00
N LYS A 497 -2.48 38.78 55.13
CA LYS A 497 -2.21 40.21 54.97
C LYS A 497 -2.36 40.70 53.52
N ASP A 498 -2.36 39.80 52.53
CA ASP A 498 -2.52 40.17 51.14
C ASP A 498 -3.98 40.04 50.64
N ILE A 499 -4.92 39.74 51.54
CA ILE A 499 -6.34 39.53 51.18
C ILE A 499 -7.20 40.60 51.84
N GLU A 500 -8.05 41.25 51.02
CA GLU A 500 -9.08 42.18 51.48
C GLU A 500 -10.44 41.64 51.01
N VAL A 501 -11.43 41.67 51.89
CA VAL A 501 -12.79 41.16 51.63
C VAL A 501 -13.80 42.28 51.85
N TYR A 502 -14.54 42.64 50.79
CA TYR A 502 -15.64 43.61 50.87
C TYR A 502 -16.94 42.83 50.95
N HIS A 503 -17.85 43.23 51.85
CA HIS A 503 -19.08 42.45 51.99
C HIS A 503 -20.27 43.32 52.43
N SER A 504 -21.48 42.78 52.23
CA SER A 504 -22.71 43.46 52.63
C SER A 504 -23.86 42.47 52.69
N ASN A 505 -24.76 42.67 53.65
CA ASN A 505 -26.10 42.10 53.55
C ASN A 505 -26.96 42.91 52.59
N PHE A 506 -28.07 42.32 52.18
CA PHE A 506 -29.04 43.06 51.38
C PHE A 506 -30.43 42.42 51.53
N LYS A 507 -31.45 43.18 51.14
CA LYS A 507 -32.84 42.73 51.17
C LYS A 507 -33.46 42.97 49.80
N PRO A 508 -33.95 41.93 49.11
CA PRO A 508 -34.65 42.15 47.84
C PRO A 508 -35.86 43.06 48.05
N LEU A 509 -36.09 43.98 47.10
CA LEU A 509 -37.27 44.85 47.19
C LEU A 509 -38.56 44.03 47.26
N GLU A 510 -38.60 42.90 46.55
CA GLU A 510 -39.76 42.01 46.56
C GLU A 510 -40.07 41.45 47.95
N TRP A 511 -39.11 41.45 48.87
CA TRP A 511 -39.31 40.89 50.21
C TRP A 511 -39.86 41.91 51.20
N THR A 512 -40.01 43.18 50.80
CA THR A 512 -40.39 44.20 51.77
C THR A 512 -41.88 44.09 52.12
N VAL A 513 -42.74 44.26 51.11
CA VAL A 513 -44.18 44.14 51.30
C VAL A 513 -44.55 42.72 51.74
N ALA A 514 -43.73 41.72 51.36
CA ALA A 514 -43.96 40.32 51.75
C ALA A 514 -43.53 39.99 53.18
N HIS A 515 -42.93 40.94 53.91
CA HIS A 515 -42.48 40.74 55.30
C HIS A 515 -41.51 39.56 55.46
N ARG A 516 -40.54 39.43 54.53
CA ARG A 516 -39.47 38.45 54.70
C ARG A 516 -38.25 39.09 55.38
N GLU A 517 -37.13 38.34 55.48
CA GLU A 517 -36.08 38.69 56.44
C GLU A 517 -35.17 39.83 55.98
N ASP A 518 -34.72 40.66 56.94
CA ASP A 518 -33.95 41.88 56.63
C ASP A 518 -32.50 41.59 56.23
N ASN A 519 -31.85 40.64 56.89
CA ASN A 519 -30.39 40.52 56.82
C ASN A 519 -29.96 39.06 56.64
N VAL A 520 -30.61 38.33 55.74
CA VAL A 520 -30.21 36.96 55.44
C VAL A 520 -29.42 36.87 54.14
N CYS A 521 -29.87 37.57 53.10
CA CYS A 521 -29.11 37.63 51.85
C CYS A 521 -27.78 38.35 52.07
N TYR A 522 -26.75 37.94 51.32
CA TYR A 522 -25.36 38.32 51.62
C TYR A 522 -24.50 38.20 50.37
N MET A 523 -23.52 39.12 50.20
CA MET A 523 -22.54 38.97 49.12
C MET A 523 -21.17 39.47 49.56
N LYS A 524 -20.11 38.93 48.93
CA LYS A 524 -18.75 39.38 49.20
C LYS A 524 -17.86 39.24 47.97
N LEU A 525 -16.81 40.08 47.92
CA LEU A 525 -15.75 40.03 46.92
C LEU A 525 -14.44 39.80 47.66
N VAL A 526 -13.71 38.75 47.29
CA VAL A 526 -12.44 38.38 47.91
C VAL A 526 -11.33 38.87 46.97
N CYS A 527 -10.46 39.80 47.43
CA CYS A 527 -9.55 40.51 46.54
C CYS A 527 -8.09 40.42 47.00
N ARG A 528 -7.17 40.64 46.05
CA ARG A 528 -5.72 40.54 46.30
C ARG A 528 -5.10 41.93 46.29
N LYS A 529 -4.59 42.36 47.45
CA LYS A 529 -4.14 43.74 47.64
C LYS A 529 -2.97 44.08 46.72
N SER A 530 -1.97 43.20 46.67
CA SER A 530 -0.74 43.47 45.94
C SER A 530 -0.89 43.33 44.42
N ASP A 531 -2.07 42.91 43.93
CA ASP A 531 -2.32 42.86 42.49
C ASP A 531 -3.48 43.79 42.14
N ASN A 532 -3.37 45.06 42.54
CA ASN A 532 -4.35 46.08 42.16
C ASN A 532 -5.77 45.73 42.64
N MET A 533 -5.87 45.01 43.75
CA MET A 533 -7.16 44.61 44.33
C MET A 533 -7.94 43.74 43.34
N ARG A 534 -7.24 42.82 42.67
CA ARG A 534 -7.86 41.87 41.74
C ARG A 534 -8.95 41.05 42.43
N VAL A 535 -10.09 40.85 41.78
CA VAL A 535 -11.15 40.02 42.35
C VAL A 535 -10.78 38.55 42.18
N LEU A 536 -10.43 37.88 43.29
CA LEU A 536 -10.09 36.47 43.26
C LEU A 536 -11.33 35.57 43.32
N GLY A 537 -12.37 36.02 44.04
CA GLY A 537 -13.62 35.27 44.19
C GLY A 537 -14.83 36.14 44.48
N LEU A 538 -15.99 35.77 43.90
CA LEU A 538 -17.28 36.43 44.06
C LEU A 538 -18.31 35.43 44.60
N HIS A 539 -19.12 35.84 45.59
CA HIS A 539 -20.05 34.96 46.31
C HIS A 539 -21.35 35.69 46.57
N VAL A 540 -22.50 35.08 46.25
CA VAL A 540 -23.79 35.71 46.52
C VAL A 540 -24.82 34.67 46.97
N LEU A 541 -25.53 34.97 48.08
CA LEU A 541 -26.66 34.19 48.58
C LEU A 541 -27.91 35.04 48.43
N GLY A 542 -28.88 34.57 47.63
CA GLY A 542 -30.06 35.37 47.35
C GLY A 542 -30.91 34.79 46.23
N PRO A 543 -32.06 35.39 45.97
CA PRO A 543 -32.89 34.90 44.87
C PRO A 543 -32.23 35.12 43.51
N ASN A 544 -32.48 34.18 42.57
CA ASN A 544 -31.99 34.27 41.20
C ASN A 544 -30.47 34.38 41.13
N ALA A 545 -29.78 33.64 42.01
CA ALA A 545 -28.33 33.82 42.18
C ALA A 545 -27.54 33.39 40.94
N GLY A 546 -28.07 32.44 40.15
CA GLY A 546 -27.40 32.08 38.91
C GLY A 546 -27.48 33.18 37.87
N GLU A 547 -28.64 33.84 37.76
CA GLU A 547 -28.75 34.98 36.85
C GLU A 547 -27.84 36.13 37.31
N ILE A 548 -27.73 36.34 38.62
CA ILE A 548 -26.86 37.40 39.15
C ILE A 548 -25.40 37.13 38.75
N THR A 549 -24.95 35.89 38.99
CA THR A 549 -23.52 35.57 38.94
C THR A 549 -22.99 35.51 37.49
N GLN A 550 -23.81 35.04 36.54
CA GLN A 550 -23.28 34.70 35.21
C GLN A 550 -22.48 35.83 34.57
N GLY A 551 -23.04 37.04 34.50
CA GLY A 551 -22.38 38.10 33.76
C GLY A 551 -21.04 38.49 34.36
N TYR A 552 -20.94 38.47 35.70
CA TYR A 552 -19.68 38.76 36.37
C TYR A 552 -18.60 37.73 36.02
N ALA A 553 -18.98 36.51 35.59
CA ALA A 553 -17.97 35.54 35.22
C ALA A 553 -17.16 35.99 34.01
N VAL A 554 -17.76 36.76 33.09
CA VAL A 554 -17.01 37.33 31.98
C VAL A 554 -15.99 38.35 32.50
N ALA A 555 -16.41 39.20 33.43
CA ALA A 555 -15.48 40.22 33.94
C ALA A 555 -14.33 39.60 34.71
N ILE A 556 -14.60 38.53 35.48
CA ILE A 556 -13.52 37.87 36.21
C ILE A 556 -12.56 37.16 35.24
N LYS A 557 -13.10 36.54 34.18
CA LYS A 557 -12.25 35.96 33.14
C LYS A 557 -11.29 37.00 32.56
N MET A 558 -11.73 38.26 32.51
CA MET A 558 -10.99 39.35 31.90
C MET A 558 -10.03 40.01 32.90
N GLY A 559 -9.99 39.57 34.15
CA GLY A 559 -9.12 40.17 35.15
C GLY A 559 -9.68 41.35 35.93
N ALA A 560 -10.98 41.37 36.23
CA ALA A 560 -11.60 42.51 36.89
C ALA A 560 -10.96 42.80 38.26
N THR A 561 -10.82 44.08 38.58
CA THR A 561 -10.40 44.56 39.91
C THR A 561 -11.57 45.22 40.62
N LYS A 562 -11.37 45.52 41.92
CA LYS A 562 -12.40 46.24 42.67
C LYS A 562 -12.71 47.58 42.01
N ALA A 563 -11.69 48.25 41.44
CA ALA A 563 -11.93 49.53 40.75
C ALA A 563 -12.87 49.37 39.57
N ASP A 564 -12.82 48.24 38.85
CA ASP A 564 -13.75 47.99 37.75
C ASP A 564 -15.19 47.86 38.24
N PHE A 565 -15.39 47.17 39.38
CA PHE A 565 -16.72 47.12 39.98
C PHE A 565 -17.18 48.52 40.44
N ASP A 566 -16.24 49.32 40.97
CA ASP A 566 -16.62 50.65 41.48
C ASP A 566 -17.05 51.61 40.36
N ARG A 567 -16.32 51.61 39.23
CA ARG A 567 -16.63 52.57 38.17
C ARG A 567 -17.85 52.18 37.33
N THR A 568 -18.28 50.91 37.39
CA THR A 568 -19.52 50.48 36.75
C THR A 568 -20.75 50.88 37.56
N ILE A 569 -21.80 51.43 36.90
CA ILE A 569 -22.97 51.95 37.59
C ILE A 569 -24.02 50.84 37.77
N GLY A 570 -24.78 50.89 38.88
CA GLY A 570 -25.81 49.87 39.09
C GLY A 570 -27.08 50.09 38.29
N ILE A 571 -27.86 48.99 38.14
CA ILE A 571 -29.24 49.00 37.64
C ILE A 571 -30.17 48.91 38.84
N HIS A 572 -31.10 49.85 38.97
CA HIS A 572 -32.02 49.97 40.12
C HIS A 572 -33.49 49.82 39.71
N PRO A 573 -34.32 49.08 40.49
CA PRO A 573 -33.98 48.30 41.70
C PRO A 573 -33.65 46.85 41.35
N THR A 574 -32.47 46.34 41.73
CA THR A 574 -32.09 44.94 41.54
C THR A 574 -31.32 44.46 42.75
N CYS A 575 -31.23 43.12 42.90
CA CYS A 575 -30.28 42.55 43.87
C CYS A 575 -28.84 42.72 43.42
N SER A 576 -28.57 42.50 42.12
CA SER A 576 -27.19 42.45 41.62
C SER A 576 -26.46 43.79 41.80
N GLU A 577 -27.18 44.93 41.78
CA GLU A 577 -26.51 46.23 41.87
C GLU A 577 -25.71 46.41 43.16
N THR A 578 -25.99 45.62 44.21
CA THR A 578 -25.24 45.77 45.45
C THR A 578 -23.75 45.51 45.24
N PHE A 579 -23.36 44.74 44.21
CA PHE A 579 -21.94 44.52 43.91
C PHE A 579 -21.23 45.77 43.45
N THR A 580 -21.96 46.79 42.98
CA THR A 580 -21.32 47.96 42.38
C THR A 580 -20.95 49.04 43.39
N THR A 581 -21.40 48.91 44.66
CA THR A 581 -21.21 49.93 45.69
C THR A 581 -20.67 49.34 47.00
N LEU A 582 -20.04 48.17 46.98
CA LEU A 582 -19.53 47.58 48.22
C LEU A 582 -18.40 48.44 48.80
N HIS A 583 -18.34 48.51 50.13
CA HIS A 583 -17.36 49.37 50.79
C HIS A 583 -16.90 48.87 52.17
N VAL A 584 -17.71 48.08 52.87
CA VAL A 584 -17.33 47.58 54.20
C VAL A 584 -16.32 46.43 54.06
N THR A 585 -15.14 46.57 54.69
CA THR A 585 -14.16 45.49 54.72
C THR A 585 -14.30 44.67 55.99
N LYS A 586 -13.95 43.38 55.90
CA LYS A 586 -13.98 42.53 57.10
C LYS A 586 -12.93 43.00 58.12
N LYS A 587 -11.81 43.55 57.66
CA LYS A 587 -10.75 43.97 58.58
C LYS A 587 -11.16 45.17 59.41
N SER A 588 -12.07 46.01 58.89
CA SER A 588 -12.52 47.17 59.64
C SER A 588 -13.37 46.79 60.85
N GLY A 589 -13.93 45.58 60.86
CA GLY A 589 -14.84 45.17 61.91
C GLY A 589 -16.22 45.81 61.86
N VAL A 590 -16.51 46.63 60.86
CA VAL A 590 -17.80 47.31 60.75
C VAL A 590 -18.86 46.31 60.31
N SER A 591 -20.07 46.46 60.86
CA SER A 591 -21.13 45.50 60.58
C SER A 591 -21.55 45.54 59.11
N PRO A 592 -21.82 44.38 58.50
CA PRO A 592 -22.32 44.37 57.12
C PRO A 592 -23.83 44.55 56.99
N ILE A 593 -24.57 44.71 58.10
CA ILE A 593 -26.03 44.84 57.99
C ILE A 593 -26.39 46.16 57.30
N VAL A 594 -27.59 46.20 56.73
CA VAL A 594 -28.05 47.40 56.03
C VAL A 594 -29.30 47.97 56.67
N GLY B 7 51.61 -14.98 -52.73
CA GLY B 7 50.32 -14.64 -52.16
C GLY B 7 49.19 -14.75 -53.15
N THR B 8 49.26 -13.94 -54.22
CA THR B 8 48.24 -14.00 -55.26
C THR B 8 48.21 -15.35 -55.96
N SER B 9 49.39 -15.96 -56.15
CA SER B 9 49.43 -17.25 -56.84
C SER B 9 48.79 -18.34 -56.00
N GLN B 10 49.01 -18.31 -54.67
CA GLN B 10 48.43 -19.35 -53.82
C GLN B 10 46.92 -19.19 -53.68
N TRP B 11 46.41 -17.95 -53.66
CA TRP B 11 44.96 -17.76 -53.62
C TRP B 11 44.31 -18.31 -54.89
N LEU B 12 44.85 -17.97 -56.06
CA LEU B 12 44.26 -18.44 -57.31
C LEU B 12 44.23 -19.96 -57.37
N ARG B 13 45.32 -20.60 -56.93
CA ARG B 13 45.40 -22.06 -56.95
C ARG B 13 44.32 -22.69 -56.07
N LYS B 14 44.19 -22.20 -54.83
CA LYS B 14 43.16 -22.71 -53.93
C LYS B 14 41.77 -22.49 -54.50
N THR B 15 41.55 -21.31 -55.10
CA THR B 15 40.24 -20.98 -55.65
C THR B 15 39.87 -21.90 -56.81
N VAL B 16 40.83 -22.16 -57.71
CA VAL B 16 40.55 -22.99 -58.88
C VAL B 16 40.31 -24.44 -58.48
N ASP B 17 41.10 -24.96 -57.52
CA ASP B 17 40.96 -26.37 -57.14
C ASP B 17 39.63 -26.63 -56.44
N SER B 18 39.08 -25.63 -55.76
CA SER B 18 37.92 -25.78 -54.90
C SER B 18 36.60 -25.43 -55.57
N ALA B 19 36.58 -24.45 -56.45
CA ALA B 19 35.32 -24.00 -57.06
C ALA B 19 34.71 -25.11 -57.90
N ALA B 20 33.37 -25.19 -57.90
CA ALA B 20 32.67 -26.15 -58.73
C ALA B 20 32.65 -25.70 -60.20
N VAL B 21 32.19 -24.48 -60.43
CA VAL B 21 32.13 -23.84 -61.75
C VAL B 21 32.43 -22.36 -61.54
N ILE B 22 33.47 -21.84 -62.18
CA ILE B 22 33.86 -20.46 -61.95
C ILE B 22 34.33 -19.81 -63.26
N LEU B 23 33.87 -18.57 -63.47
CA LEU B 23 34.19 -17.78 -64.65
C LEU B 23 35.04 -16.60 -64.24
N PHE B 24 36.18 -16.41 -64.90
CA PHE B 24 37.00 -15.21 -64.72
C PHE B 24 36.67 -14.24 -65.85
N SER B 25 36.38 -13.00 -65.49
CA SER B 25 35.67 -12.11 -66.40
C SER B 25 36.10 -10.66 -66.18
N LYS B 26 35.60 -9.78 -67.06
CA LYS B 26 35.64 -8.33 -66.84
C LYS B 26 34.29 -7.75 -67.24
N THR B 27 33.86 -6.72 -66.51
CA THR B 27 32.50 -6.20 -66.68
C THR B 27 32.29 -5.59 -68.06
N THR B 28 33.35 -5.08 -68.68
CA THR B 28 33.27 -4.37 -69.95
C THR B 28 33.41 -5.27 -71.16
N CYS B 29 33.60 -6.58 -70.97
CA CYS B 29 33.94 -7.46 -72.08
C CYS B 29 32.68 -8.07 -72.70
N PRO B 30 32.39 -7.80 -73.98
CA PRO B 30 31.21 -8.44 -74.60
C PRO B 30 31.41 -9.92 -74.88
N TYR B 31 32.66 -10.41 -74.94
CA TYR B 31 32.86 -11.85 -75.03
C TYR B 31 32.50 -12.53 -73.72
N CYS B 32 32.78 -11.85 -72.59
CA CYS B 32 32.34 -12.36 -71.30
C CYS B 32 30.83 -12.35 -71.19
N LYS B 33 30.20 -11.24 -71.57
CA LYS B 33 28.74 -11.17 -71.57
C LYS B 33 28.15 -12.26 -72.44
N LYS B 34 28.81 -12.57 -73.56
CA LYS B 34 28.34 -13.63 -74.45
C LYS B 34 28.35 -14.98 -73.76
N VAL B 35 29.41 -15.27 -72.99
CA VAL B 35 29.49 -16.55 -72.28
C VAL B 35 28.50 -16.57 -71.12
N LYS B 36 28.41 -15.46 -70.37
CA LYS B 36 27.47 -15.36 -69.27
C LYS B 36 26.05 -15.72 -69.72
N ASP B 37 25.61 -15.14 -70.84
CA ASP B 37 24.26 -15.36 -71.33
C ASP B 37 24.04 -16.82 -71.74
N VAL B 38 25.08 -17.49 -72.25
CA VAL B 38 24.96 -18.89 -72.62
C VAL B 38 24.76 -19.76 -71.37
N LEU B 39 25.57 -19.53 -70.34
CA LEU B 39 25.43 -20.28 -69.10
C LEU B 39 24.07 -20.04 -68.44
N ALA B 40 23.55 -18.81 -68.55
CA ALA B 40 22.22 -18.52 -67.99
C ALA B 40 21.13 -19.27 -68.74
N GLU B 41 21.21 -19.31 -70.07
CA GLU B 41 20.23 -20.05 -70.86
C GLU B 41 20.29 -21.54 -70.56
N ALA B 42 21.49 -22.08 -70.38
CA ALA B 42 21.67 -23.49 -70.07
C ALA B 42 21.39 -23.82 -68.61
N LYS B 43 21.03 -22.81 -67.80
CA LYS B 43 20.72 -22.98 -66.39
C LYS B 43 21.94 -23.53 -65.62
N ILE B 44 23.12 -23.08 -66.02
CA ILE B 44 24.36 -23.47 -65.36
C ILE B 44 24.75 -22.36 -64.38
N LYS B 45 24.65 -22.66 -63.09
CA LYS B 45 25.03 -21.72 -62.04
C LYS B 45 26.54 -21.79 -61.79
N HIS B 46 27.12 -20.65 -61.44
CA HIS B 46 28.57 -20.53 -61.34
C HIS B 46 28.94 -19.29 -60.54
N ALA B 47 30.15 -19.31 -59.99
CA ALA B 47 30.79 -18.13 -59.45
C ALA B 47 31.42 -17.30 -60.57
N THR B 48 31.58 -16.00 -60.31
CA THR B 48 32.19 -15.06 -61.26
C THR B 48 33.15 -14.15 -60.51
N ILE B 49 34.36 -13.99 -61.05
CA ILE B 49 35.39 -13.11 -60.48
C ILE B 49 35.68 -12.06 -61.53
N GLU B 50 35.23 -10.82 -61.30
CA GLU B 50 35.44 -9.73 -62.24
C GLU B 50 36.81 -9.10 -61.95
N LEU B 51 37.77 -9.29 -62.87
CA LEU B 51 39.14 -8.87 -62.57
C LEU B 51 39.30 -7.36 -62.61
N ASP B 52 38.50 -6.66 -63.43
CA ASP B 52 38.58 -5.20 -63.51
C ASP B 52 38.07 -4.51 -62.25
N GLN B 53 37.64 -5.25 -61.23
CA GLN B 53 37.15 -4.68 -59.98
C GLN B 53 37.94 -5.17 -58.78
N LEU B 54 39.14 -5.70 -59.00
CA LEU B 54 39.98 -6.17 -57.92
C LEU B 54 41.30 -5.41 -57.92
N SER B 55 41.93 -5.34 -56.75
CA SER B 55 43.15 -4.56 -56.60
C SER B 55 44.25 -5.08 -57.53
N ASN B 56 44.54 -6.38 -57.45
CA ASN B 56 45.59 -6.95 -58.29
C ASN B 56 44.99 -7.83 -59.38
N GLY B 57 43.98 -7.33 -60.08
CA GLY B 57 43.41 -8.07 -61.19
C GLY B 57 44.39 -8.34 -62.32
N SER B 58 45.34 -7.42 -62.53
CA SER B 58 46.36 -7.63 -63.56
C SER B 58 47.27 -8.79 -63.20
N ALA B 59 47.64 -8.92 -61.93
CA ALA B 59 48.50 -10.03 -61.51
C ALA B 59 47.77 -11.37 -61.62
N ILE B 60 46.50 -11.40 -61.23
CA ILE B 60 45.73 -12.65 -61.34
C ILE B 60 45.62 -13.08 -62.79
N GLN B 61 45.33 -12.11 -63.68
CA GLN B 61 45.18 -12.41 -65.09
C GLN B 61 46.42 -13.10 -65.65
N LYS B 62 47.60 -12.71 -65.18
CA LYS B 62 48.82 -13.37 -65.63
C LYS B 62 49.01 -14.74 -64.98
N CYS B 63 48.54 -14.91 -63.73
CA CYS B 63 48.65 -16.21 -63.08
C CYS B 63 47.75 -17.27 -63.73
N LEU B 64 46.62 -16.85 -64.31
CA LEU B 64 45.71 -17.81 -64.93
C LEU B 64 46.39 -18.62 -66.01
N ALA B 65 47.40 -18.06 -66.67
CA ALA B 65 48.09 -18.75 -67.75
C ALA B 65 48.79 -20.02 -67.28
N SER B 66 49.14 -20.11 -65.99
CA SER B 66 49.73 -21.34 -65.48
C SER B 66 48.77 -22.52 -65.49
N PHE B 67 47.47 -22.27 -65.68
CA PHE B 67 46.48 -23.33 -65.83
C PHE B 67 45.99 -23.49 -67.25
N SER B 68 45.80 -22.37 -67.96
CA SER B 68 45.16 -22.36 -69.27
C SER B 68 46.09 -22.05 -70.43
N LYS B 69 47.29 -21.54 -70.13
CA LYS B 69 48.26 -21.04 -71.11
C LYS B 69 47.74 -19.86 -71.94
N ILE B 70 46.69 -19.18 -71.47
CA ILE B 70 46.25 -17.92 -72.06
C ILE B 70 46.10 -16.87 -70.95
N GLU B 71 46.27 -15.61 -71.33
CA GLU B 71 46.21 -14.49 -70.38
C GLU B 71 45.00 -13.60 -70.62
N THR B 72 44.05 -14.04 -71.42
CA THR B 72 42.90 -13.22 -71.77
C THR B 72 41.68 -13.64 -70.94
N VAL B 73 40.55 -13.02 -71.26
CA VAL B 73 39.32 -13.17 -70.50
C VAL B 73 38.18 -13.19 -71.50
N PRO B 74 37.18 -14.09 -71.35
CA PRO B 74 36.91 -14.99 -70.23
C PRO B 74 37.64 -16.32 -70.21
N GLN B 75 37.71 -16.92 -69.02
CA GLN B 75 38.23 -18.27 -68.84
C GLN B 75 37.29 -19.01 -67.89
N MET B 76 36.84 -20.19 -68.31
CA MET B 76 35.90 -20.99 -67.53
C MET B 76 36.60 -22.24 -67.00
N PHE B 77 36.38 -22.53 -65.71
CA PHE B 77 36.92 -23.71 -65.05
C PHE B 77 35.78 -24.51 -64.42
N VAL B 78 35.97 -25.83 -64.36
CA VAL B 78 35.04 -26.75 -63.72
C VAL B 78 35.85 -27.70 -62.86
N ARG B 79 35.64 -27.64 -61.54
CA ARG B 79 36.26 -28.57 -60.59
C ARG B 79 37.77 -28.72 -60.83
N GLY B 80 38.43 -27.59 -61.04
CA GLY B 80 39.88 -27.56 -61.14
C GLY B 80 40.43 -27.64 -62.55
N LYS B 81 39.59 -27.81 -63.55
CA LYS B 81 40.02 -28.02 -64.93
C LYS B 81 39.64 -26.82 -65.78
N PHE B 82 40.60 -26.32 -66.56
CA PHE B 82 40.30 -25.29 -67.54
C PHE B 82 39.46 -25.87 -68.67
N ILE B 83 38.31 -25.27 -68.93
CA ILE B 83 37.38 -25.74 -69.94
C ILE B 83 37.55 -25.02 -71.27
N GLY B 84 37.73 -23.71 -71.26
CA GLY B 84 37.99 -23.01 -72.51
C GLY B 84 37.72 -21.53 -72.43
N ASP B 85 38.03 -20.86 -73.54
CA ASP B 85 37.70 -19.45 -73.74
C ASP B 85 36.32 -19.34 -74.39
N SER B 86 36.00 -18.19 -74.98
CA SER B 86 34.68 -17.96 -75.54
C SER B 86 34.36 -18.93 -76.69
N GLN B 87 35.24 -19.00 -77.70
CA GLN B 87 34.97 -19.88 -78.83
C GLN B 87 34.79 -21.33 -78.39
N THR B 88 35.61 -21.80 -77.45
CA THR B 88 35.54 -23.20 -77.05
C THR B 88 34.25 -23.50 -76.28
N VAL B 89 33.84 -22.60 -75.40
CA VAL B 89 32.60 -22.82 -74.66
C VAL B 89 31.40 -22.86 -75.61
N LEU B 90 31.36 -21.95 -76.58
CA LEU B 90 30.27 -21.95 -77.55
C LEU B 90 30.30 -23.20 -78.43
N LYS B 91 31.48 -23.76 -78.68
CA LYS B 91 31.57 -25.01 -79.43
C LYS B 91 30.91 -26.15 -78.65
N TYR B 92 31.22 -26.25 -77.35
CA TYR B 92 30.58 -27.29 -76.55
C TYR B 92 29.07 -27.07 -76.48
N TYR B 93 28.64 -25.81 -76.38
CA TYR B 93 27.21 -25.48 -76.34
C TYR B 93 26.53 -25.83 -77.66
N SER B 94 27.15 -25.46 -78.79
CA SER B 94 26.58 -25.77 -80.09
C SER B 94 26.48 -27.26 -80.33
N ASN B 95 27.43 -28.05 -79.80
CA ASN B 95 27.51 -29.48 -80.04
C ASN B 95 26.83 -30.30 -78.95
N ASP B 96 26.03 -29.67 -78.09
CA ASP B 96 25.34 -30.36 -77.00
C ASP B 96 26.32 -31.19 -76.16
N GLU B 97 27.49 -30.62 -75.89
CA GLU B 97 28.48 -31.26 -75.03
C GLU B 97 28.70 -30.52 -73.72
N LEU B 98 28.06 -29.36 -73.53
CA LEU B 98 28.35 -28.52 -72.36
C LEU B 98 27.79 -29.13 -71.08
N ALA B 99 26.54 -29.62 -71.12
CA ALA B 99 25.92 -30.14 -69.91
C ALA B 99 26.73 -31.29 -69.32
N GLY B 100 27.28 -32.15 -70.17
CA GLY B 100 28.06 -33.27 -69.67
C GLY B 100 29.39 -32.86 -69.06
N ILE B 101 30.00 -31.80 -69.60
CA ILE B 101 31.31 -31.38 -69.10
C ILE B 101 31.19 -30.76 -67.71
N VAL B 102 30.19 -29.91 -67.50
CA VAL B 102 30.03 -29.25 -66.20
C VAL B 102 29.47 -30.17 -65.11
N ASN B 103 29.02 -31.36 -65.47
CA ASN B 103 28.45 -32.30 -64.49
C ASN B 103 29.37 -33.45 -64.13
N GLU B 104 30.53 -33.58 -64.76
CA GLU B 104 31.40 -34.71 -64.44
C GLU B 104 32.18 -34.40 -63.16
N SER B 105 32.21 -35.37 -62.25
CA SER B 105 32.84 -35.22 -60.96
C SER B 105 33.32 -36.57 -60.45
N LYS B 106 34.41 -36.54 -59.67
CA LYS B 106 34.86 -37.73 -58.98
C LYS B 106 33.86 -38.19 -57.91
N TYR B 107 32.99 -37.29 -57.44
CA TYR B 107 32.12 -37.52 -56.30
C TYR B 107 30.66 -37.33 -56.69
N ASP B 108 29.75 -37.90 -55.90
CA ASP B 108 28.33 -37.66 -56.12
C ASP B 108 27.99 -36.19 -55.92
N TYR B 109 28.63 -35.52 -54.96
CA TYR B 109 28.31 -34.14 -54.63
C TYR B 109 29.58 -33.32 -54.42
N ASP B 110 29.50 -32.03 -54.76
CA ASP B 110 30.56 -31.10 -54.37
C ASP B 110 30.57 -30.86 -52.86
N LEU B 111 29.41 -30.89 -52.20
CA LEU B 111 29.28 -30.62 -50.77
C LEU B 111 28.19 -31.50 -50.18
N ILE B 112 28.50 -32.17 -49.07
CA ILE B 112 27.49 -32.82 -48.23
C ILE B 112 27.48 -32.12 -46.87
N VAL B 113 26.32 -31.61 -46.47
CA VAL B 113 26.11 -31.02 -45.15
C VAL B 113 25.41 -32.06 -44.27
N ILE B 114 26.02 -32.44 -43.14
CA ILE B 114 25.38 -33.32 -42.17
C ILE B 114 24.74 -32.43 -41.09
N GLY B 115 23.41 -32.31 -41.13
CA GLY B 115 22.67 -31.49 -40.18
C GLY B 115 21.91 -30.34 -40.83
N GLY B 116 20.59 -30.31 -40.67
CA GLY B 116 19.75 -29.32 -41.34
C GLY B 116 19.21 -28.27 -40.40
N GLY B 117 20.11 -27.61 -39.65
CA GLY B 117 19.74 -26.59 -38.69
C GLY B 117 20.21 -25.19 -39.07
N SER B 118 20.43 -24.32 -38.07
CA SER B 118 20.77 -22.93 -38.37
C SER B 118 21.99 -22.81 -39.28
N GLY B 119 23.09 -23.48 -38.95
CA GLY B 119 24.31 -23.35 -39.75
C GLY B 119 24.27 -24.14 -41.05
N GLY B 120 23.76 -25.37 -40.97
CA GLY B 120 23.82 -26.25 -42.13
C GLY B 120 22.96 -25.79 -43.27
N LEU B 121 21.73 -25.34 -42.98
CA LEU B 121 20.87 -24.85 -44.06
C LEU B 121 21.46 -23.59 -44.69
N ALA B 122 22.08 -22.73 -43.88
CA ALA B 122 22.69 -21.51 -44.42
C ALA B 122 23.85 -21.84 -45.35
N ALA B 123 24.72 -22.76 -44.92
CA ALA B 123 25.86 -23.15 -45.74
C ALA B 123 25.41 -23.81 -47.05
N GLY B 124 24.45 -24.72 -46.98
CA GLY B 124 24.05 -25.45 -48.18
C GLY B 124 23.42 -24.56 -49.22
N LYS B 125 22.52 -23.65 -48.79
CA LYS B 125 21.89 -22.74 -49.74
C LYS B 125 22.92 -21.80 -50.37
N GLU B 126 23.87 -21.30 -49.58
CA GLU B 126 24.88 -20.40 -50.14
C GLU B 126 25.79 -21.12 -51.12
N ALA B 127 26.20 -22.36 -50.80
CA ALA B 127 27.06 -23.10 -51.73
C ALA B 127 26.36 -23.33 -53.07
N ALA B 128 25.08 -23.67 -53.03
CA ALA B 128 24.34 -23.96 -54.26
C ALA B 128 24.30 -22.76 -55.20
N LYS B 129 24.30 -21.54 -54.64
CA LYS B 129 24.24 -20.33 -55.46
C LYS B 129 25.45 -20.18 -56.38
N TYR B 130 26.56 -20.84 -56.08
CA TYR B 130 27.77 -20.76 -56.90
C TYR B 130 27.97 -22.02 -57.74
N GLY B 131 26.95 -22.85 -57.88
CA GLY B 131 27.03 -24.01 -58.71
C GLY B 131 27.54 -25.27 -58.05
N ALA B 132 27.75 -25.26 -56.74
CA ALA B 132 28.14 -26.49 -56.05
C ALA B 132 26.96 -27.45 -55.98
N LYS B 133 27.17 -28.69 -56.43
CA LYS B 133 26.13 -29.71 -56.31
C LYS B 133 26.07 -30.17 -54.86
N THR B 134 24.95 -29.91 -54.18
CA THR B 134 24.89 -29.94 -52.72
C THR B 134 23.78 -30.87 -52.22
N ALA B 135 24.09 -31.63 -51.16
CA ALA B 135 23.11 -32.39 -50.39
C ALA B 135 23.08 -31.94 -48.93
N VAL B 136 21.88 -31.83 -48.37
CA VAL B 136 21.68 -31.53 -46.94
C VAL B 136 20.94 -32.69 -46.31
N LEU B 137 21.54 -33.27 -45.26
CA LEU B 137 20.98 -34.39 -44.51
C LEU B 137 20.45 -33.88 -43.17
N ASP B 138 19.22 -34.26 -42.82
CA ASP B 138 18.67 -33.93 -41.49
C ASP B 138 17.82 -35.07 -40.94
N TYR B 139 18.05 -35.40 -39.67
CA TYR B 139 17.30 -36.38 -38.91
C TYR B 139 17.16 -35.89 -37.48
N VAL B 140 15.97 -36.05 -36.89
CA VAL B 140 15.69 -35.64 -35.52
C VAL B 140 15.44 -36.90 -34.69
N GLU B 141 16.42 -37.30 -33.89
CA GLU B 141 16.26 -38.39 -32.94
C GLU B 141 15.20 -38.04 -31.91
N PRO B 142 14.18 -38.87 -31.69
CA PRO B 142 13.11 -38.51 -30.76
C PRO B 142 13.59 -38.43 -29.32
N THR B 143 12.89 -37.62 -28.53
CA THR B 143 13.18 -37.51 -27.10
C THR B 143 12.77 -38.82 -26.42
N PRO B 144 13.13 -39.01 -25.14
CA PRO B 144 12.70 -40.22 -24.43
C PRO B 144 11.20 -40.46 -24.44
N ILE B 145 10.34 -39.42 -24.41
CA ILE B 145 8.90 -39.66 -24.47
C ILE B 145 8.39 -39.73 -25.92
N GLY B 146 9.26 -39.53 -26.91
CA GLY B 146 8.90 -39.72 -28.30
C GLY B 146 8.70 -38.45 -29.13
N THR B 147 8.94 -37.27 -28.56
CA THR B 147 8.75 -36.02 -29.30
C THR B 147 9.74 -35.89 -30.46
N THR B 148 9.21 -35.45 -31.62
CA THR B 148 10.01 -35.17 -32.81
C THR B 148 9.42 -33.97 -33.53
N TRP B 149 10.12 -33.46 -34.56
CA TRP B 149 9.75 -32.22 -35.25
C TRP B 149 10.42 -32.19 -36.63
N GLY B 150 10.17 -31.10 -37.39
CA GLY B 150 10.54 -31.02 -38.79
C GLY B 150 11.87 -30.30 -39.07
N LEU B 151 12.07 -29.96 -40.35
CA LEU B 151 13.34 -29.38 -40.80
C LEU B 151 13.59 -27.99 -40.22
N GLY B 152 14.85 -27.69 -39.89
CA GLY B 152 15.19 -26.35 -39.43
C GLY B 152 16.08 -26.22 -38.20
N GLY B 153 16.21 -27.29 -37.39
CA GLY B 153 17.15 -27.29 -36.27
C GLY B 153 16.55 -26.86 -34.94
N THR B 154 17.44 -26.67 -33.96
CA THR B 154 17.03 -26.40 -32.58
C THR B 154 16.32 -25.06 -32.44
N CYS B 155 16.88 -24.00 -33.04
CA CYS B 155 16.31 -22.67 -32.87
C CYS B 155 14.88 -22.60 -33.41
N VAL B 156 14.69 -23.10 -34.64
CA VAL B 156 13.39 -23.02 -35.32
C VAL B 156 12.32 -23.80 -34.56
N ASN B 157 12.65 -25.02 -34.11
CA ASN B 157 11.65 -25.96 -33.60
C ASN B 157 11.52 -26.00 -32.09
N VAL B 158 12.63 -25.90 -31.35
CA VAL B 158 12.61 -26.11 -29.90
C VAL B 158 13.56 -25.15 -29.20
N GLY B 159 13.68 -23.92 -29.73
CA GLY B 159 14.65 -22.95 -29.23
C GLY B 159 14.21 -21.51 -29.37
N CYS B 160 15.02 -20.67 -30.04
CA CYS B 160 14.82 -19.22 -30.02
C CYS B 160 13.40 -18.84 -30.43
N ILE B 161 12.85 -19.51 -31.44
CA ILE B 161 11.58 -19.09 -32.04
C ILE B 161 10.42 -19.40 -31.08
N PRO B 162 10.16 -20.65 -30.67
CA PRO B 162 9.02 -20.86 -29.75
C PRO B 162 9.24 -20.21 -28.40
N LYS B 163 10.48 -20.12 -27.90
CA LYS B 163 10.66 -19.56 -26.57
C LYS B 163 10.38 -18.06 -26.57
N LYS B 164 10.78 -17.33 -27.62
CA LYS B 164 10.46 -15.90 -27.65
C LYS B 164 8.97 -15.65 -27.89
N LEU B 165 8.30 -16.54 -28.63
CA LEU B 165 6.85 -16.39 -28.76
C LEU B 165 6.12 -16.62 -27.44
N MET B 166 6.56 -17.60 -26.63
CA MET B 166 5.93 -17.79 -25.32
C MET B 166 6.32 -16.69 -24.35
N HIS B 167 7.55 -16.16 -24.42
CA HIS B 167 7.93 -14.93 -23.72
C HIS B 167 6.97 -13.77 -24.04
N GLN B 168 6.65 -13.56 -25.33
CA GLN B 168 5.71 -12.50 -25.69
C GLN B 168 4.33 -12.75 -25.08
N ALA B 169 3.88 -14.02 -25.07
CA ALA B 169 2.60 -14.31 -24.41
C ALA B 169 2.64 -13.89 -22.94
N GLY B 170 3.77 -14.10 -22.27
CA GLY B 170 3.91 -13.66 -20.89
C GLY B 170 3.99 -12.15 -20.75
N LEU B 171 4.69 -11.48 -21.67
CA LEU B 171 4.76 -10.02 -21.61
C LEU B 171 3.37 -9.40 -21.77
N LEU B 172 2.48 -10.06 -22.52
CA LEU B 172 1.17 -9.47 -22.75
C LEU B 172 0.31 -9.48 -21.50
N SER B 173 0.63 -10.32 -20.52
CA SER B 173 -0.05 -10.26 -19.23
C SER B 173 0.14 -8.90 -18.57
N HIS B 174 1.34 -8.35 -18.64
CA HIS B 174 1.58 -7.05 -18.03
C HIS B 174 1.03 -5.91 -18.88
N ALA B 175 0.94 -6.11 -20.19
CA ALA B 175 0.27 -5.14 -21.05
C ALA B 175 -1.21 -5.03 -20.69
N LEU B 176 -1.86 -6.16 -20.38
CA LEU B 176 -3.26 -6.14 -19.95
C LEU B 176 -3.42 -5.34 -18.65
N GLU B 177 -2.52 -5.55 -17.68
CA GLU B 177 -2.58 -4.79 -16.43
C GLU B 177 -2.30 -3.30 -16.66
N ASP B 178 -1.30 -2.98 -17.50
CA ASP B 178 -1.00 -1.57 -17.77
C ASP B 178 -2.17 -0.86 -18.45
N ALA B 179 -2.91 -1.57 -19.32
CA ALA B 179 -3.97 -0.94 -20.11
C ALA B 179 -5.00 -0.22 -19.23
N GLU B 180 -5.29 -0.77 -18.05
CA GLU B 180 -6.27 -0.13 -17.16
C GLU B 180 -5.82 1.27 -16.75
N HIS B 181 -4.53 1.41 -16.40
CA HIS B 181 -4.04 2.71 -15.97
C HIS B 181 -4.00 3.74 -17.10
N PHE B 182 -3.84 3.28 -18.36
CA PHE B 182 -3.84 4.18 -19.50
C PHE B 182 -5.25 4.47 -20.03
N GLY B 183 -6.29 4.02 -19.32
CA GLY B 183 -7.67 4.40 -19.60
C GLY B 183 -8.56 3.34 -20.22
N TRP B 184 -8.07 2.14 -20.49
CA TRP B 184 -8.91 1.09 -21.10
C TRP B 184 -9.75 0.38 -20.04
N SER B 185 -10.93 -0.11 -20.46
CA SER B 185 -11.99 -0.50 -19.52
C SER B 185 -11.90 -1.95 -19.03
N LEU B 186 -10.89 -2.70 -19.41
CA LEU B 186 -10.85 -4.12 -19.04
C LEU B 186 -10.48 -4.32 -17.56
N ASP B 187 -10.83 -5.49 -17.04
CA ASP B 187 -10.49 -5.92 -15.68
C ASP B 187 -9.57 -7.13 -15.76
N ARG B 188 -8.26 -6.89 -15.54
CA ARG B 188 -7.24 -7.93 -15.66
C ARG B 188 -7.52 -9.15 -14.78
N SER B 189 -8.11 -8.94 -13.61
CA SER B 189 -8.31 -10.05 -12.67
C SER B 189 -9.33 -11.07 -13.16
N LYS B 190 -10.14 -10.75 -14.17
CA LYS B 190 -11.12 -11.68 -14.69
C LYS B 190 -10.66 -12.36 -15.98
N ILE B 191 -9.40 -12.23 -16.36
CA ILE B 191 -8.88 -12.78 -17.62
C ILE B 191 -7.90 -13.90 -17.29
N SER B 192 -7.99 -15.01 -18.04
CA SER B 192 -7.12 -16.16 -17.85
C SER B 192 -6.47 -16.57 -19.18
N HIS B 193 -5.49 -17.47 -19.08
CA HIS B 193 -4.73 -17.94 -20.24
C HIS B 193 -5.02 -19.40 -20.58
N ASN B 194 -5.04 -19.72 -21.88
CA ASN B 194 -5.29 -21.06 -22.40
C ASN B 194 -4.02 -21.57 -23.08
N TRP B 195 -3.33 -22.51 -22.42
CA TRP B 195 -2.07 -23.07 -22.91
C TRP B 195 -2.20 -23.68 -24.30
N SER B 196 -3.23 -24.49 -24.52
CA SER B 196 -3.33 -25.20 -25.78
C SER B 196 -3.59 -24.27 -26.96
N THR B 197 -4.37 -23.20 -26.75
CA THR B 197 -4.54 -22.21 -27.82
C THR B 197 -3.21 -21.57 -28.20
N MET B 198 -2.39 -21.21 -27.20
CA MET B 198 -1.05 -20.66 -27.47
C MET B 198 -0.20 -21.66 -28.24
N VAL B 199 -0.09 -22.91 -27.73
CA VAL B 199 0.76 -23.91 -28.39
C VAL B 199 0.32 -24.13 -29.84
N GLU B 200 -0.99 -24.14 -30.11
CA GLU B 200 -1.43 -24.35 -31.49
C GLU B 200 -0.97 -23.21 -32.41
N GLY B 201 -1.03 -21.97 -31.94
CA GLY B 201 -0.56 -20.87 -32.77
C GLY B 201 0.95 -20.91 -32.98
N VAL B 202 1.71 -21.22 -31.92
CA VAL B 202 3.16 -21.31 -32.03
C VAL B 202 3.55 -22.41 -33.02
N GLN B 203 2.92 -23.58 -32.89
CA GLN B 203 3.24 -24.71 -33.76
C GLN B 203 2.82 -24.47 -35.21
N SER B 204 1.75 -23.72 -35.44
CA SER B 204 1.40 -23.36 -36.81
C SER B 204 2.48 -22.48 -37.44
N HIS B 205 3.05 -21.54 -36.67
CA HIS B 205 4.15 -20.77 -37.22
C HIS B 205 5.38 -21.65 -37.48
N ILE B 206 5.71 -22.56 -36.56
CA ILE B 206 6.85 -23.44 -36.78
C ILE B 206 6.62 -24.29 -38.02
N GLY B 207 5.39 -24.76 -38.23
CA GLY B 207 5.11 -25.56 -39.42
C GLY B 207 5.33 -24.79 -40.71
N SER B 208 5.00 -23.49 -40.70
CA SER B 208 5.25 -22.69 -41.89
C SER B 208 6.76 -22.52 -42.13
N LEU B 209 7.58 -22.55 -41.06
CA LEU B 209 9.02 -22.50 -41.27
C LEU B 209 9.57 -23.83 -41.80
N ASN B 210 9.10 -24.96 -41.25
CA ASN B 210 9.49 -26.28 -41.79
C ASN B 210 9.27 -26.32 -43.30
N TRP B 211 8.07 -25.93 -43.73
CA TRP B 211 7.72 -25.98 -45.15
C TRP B 211 8.56 -24.99 -45.97
N GLY B 212 8.77 -23.77 -45.45
CA GLY B 212 9.56 -22.78 -46.17
C GLY B 212 10.98 -23.22 -46.44
N TYR B 213 11.59 -23.97 -45.51
CA TYR B 213 12.95 -24.44 -45.74
C TYR B 213 12.99 -25.54 -46.80
N LYS B 214 11.98 -26.42 -46.81
CA LYS B 214 11.93 -27.43 -47.87
C LYS B 214 11.73 -26.79 -49.24
N VAL B 215 10.87 -25.76 -49.32
CA VAL B 215 10.69 -25.01 -50.56
C VAL B 215 11.99 -24.33 -50.98
N ALA B 216 12.70 -23.72 -50.02
CA ALA B 216 13.94 -23.02 -50.32
C ALA B 216 15.00 -23.97 -50.88
N LEU B 217 15.12 -25.16 -50.30
CA LEU B 217 16.11 -26.11 -50.79
C LEU B 217 15.76 -26.57 -52.21
N ARG B 218 14.47 -26.87 -52.45
CA ARG B 218 14.04 -27.25 -53.79
C ARG B 218 14.38 -26.18 -54.83
N ASP B 219 14.11 -24.91 -54.50
CA ASP B 219 14.32 -23.81 -55.44
C ASP B 219 15.79 -23.45 -55.63
N ASN B 220 16.69 -23.92 -54.78
CA ASN B 220 18.12 -23.78 -54.99
C ASN B 220 18.77 -25.03 -55.56
N GLN B 221 17.96 -26.01 -55.97
CA GLN B 221 18.45 -27.28 -56.53
C GLN B 221 19.31 -28.06 -55.53
N VAL B 222 18.99 -27.96 -54.25
CA VAL B 222 19.68 -28.71 -53.20
C VAL B 222 18.92 -30.02 -52.94
N THR B 223 19.64 -31.13 -52.86
CA THR B 223 19.00 -32.41 -52.54
C THR B 223 18.83 -32.54 -51.03
N TYR B 224 17.57 -32.60 -50.57
CA TYR B 224 17.26 -32.77 -49.14
C TYR B 224 16.99 -34.23 -48.86
N LEU B 225 17.76 -34.83 -47.95
CA LEU B 225 17.54 -36.21 -47.50
C LEU B 225 17.21 -36.23 -46.02
N ASN B 226 16.02 -36.73 -45.68
CA ASN B 226 15.59 -36.90 -44.28
C ASN B 226 16.12 -38.25 -43.82
N ALA B 227 17.40 -38.27 -43.47
CA ALA B 227 18.12 -39.49 -43.14
C ALA B 227 19.24 -39.18 -42.16
N LYS B 228 19.61 -40.18 -41.36
CA LYS B 228 20.74 -40.06 -40.44
C LYS B 228 22.05 -40.31 -41.19
N GLY B 229 22.98 -39.35 -41.12
CA GLY B 229 24.27 -39.48 -41.76
C GLY B 229 25.38 -39.83 -40.78
N ARG B 230 26.37 -40.57 -41.27
CA ARG B 230 27.53 -40.95 -40.48
C ARG B 230 28.75 -40.92 -41.39
N LEU B 231 29.77 -40.14 -41.01
CA LEU B 231 30.98 -40.01 -41.82
C LEU B 231 31.88 -41.22 -41.53
N ILE B 232 32.10 -42.07 -42.53
CA ILE B 232 32.89 -43.30 -42.32
C ILE B 232 34.30 -43.22 -42.90
N SER B 233 34.54 -42.36 -43.87
CA SER B 233 35.87 -42.02 -44.35
C SER B 233 35.82 -40.56 -44.82
N PRO B 234 36.97 -39.94 -45.12
CA PRO B 234 36.96 -38.51 -45.46
C PRO B 234 35.91 -38.08 -46.49
N HIS B 235 35.63 -38.89 -47.50
CA HIS B 235 34.69 -38.51 -48.56
C HIS B 235 33.43 -39.36 -48.63
N GLU B 236 33.22 -40.29 -47.70
CA GLU B 236 32.07 -41.19 -47.72
C GLU B 236 31.14 -40.95 -46.53
N VAL B 237 29.85 -40.74 -46.82
CA VAL B 237 28.81 -40.60 -45.81
C VAL B 237 27.83 -41.75 -45.94
N GLN B 238 27.71 -42.54 -44.89
CA GLN B 238 26.70 -43.58 -44.81
C GLN B 238 25.39 -42.99 -44.33
N ILE B 239 24.29 -43.27 -45.03
CA ILE B 239 22.98 -42.75 -44.68
C ILE B 239 22.04 -43.91 -44.37
N THR B 240 21.16 -43.69 -43.38
CA THR B 240 20.14 -44.66 -43.00
C THR B 240 18.79 -43.95 -42.97
N ASP B 241 17.83 -44.43 -43.76
CA ASP B 241 16.58 -43.72 -43.94
C ASP B 241 15.51 -44.21 -42.96
N LYS B 242 14.27 -43.79 -43.17
CA LYS B 242 13.17 -44.11 -42.26
C LYS B 242 12.79 -45.59 -42.28
N ASN B 243 13.18 -46.32 -43.31
CA ASN B 243 12.96 -47.76 -43.39
C ASN B 243 14.19 -48.57 -42.97
N GLN B 244 15.22 -47.90 -42.43
CA GLN B 244 16.51 -48.52 -42.11
C GLN B 244 17.21 -49.06 -43.35
N LYS B 245 16.92 -48.47 -44.51
CA LYS B 245 17.73 -48.73 -45.70
C LYS B 245 19.06 -48.00 -45.59
N VAL B 246 20.15 -48.73 -45.79
CA VAL B 246 21.51 -48.21 -45.61
C VAL B 246 22.17 -48.10 -46.98
N SER B 247 22.89 -47.00 -47.21
CA SER B 247 23.58 -46.75 -48.47
C SER B 247 24.69 -45.74 -48.22
N THR B 248 25.48 -45.47 -49.27
CA THR B 248 26.64 -44.59 -49.17
C THR B 248 26.61 -43.57 -50.30
N ILE B 249 26.87 -42.31 -49.96
CA ILE B 249 27.04 -41.24 -50.95
C ILE B 249 28.41 -40.60 -50.71
N THR B 250 28.99 -40.04 -51.77
CA THR B 250 30.32 -39.45 -51.69
C THR B 250 30.28 -37.95 -51.95
N GLY B 251 31.24 -37.23 -51.37
CA GLY B 251 31.28 -35.78 -51.51
C GLY B 251 32.70 -35.26 -51.43
N ASN B 252 32.97 -34.18 -52.16
CA ASN B 252 34.29 -33.56 -52.12
C ASN B 252 34.53 -32.86 -50.79
N LYS B 253 33.70 -31.87 -50.47
CA LYS B 253 33.78 -31.17 -49.20
C LYS B 253 32.66 -31.64 -48.28
N ILE B 254 32.96 -31.71 -46.98
CA ILE B 254 32.00 -32.17 -45.96
C ILE B 254 31.87 -31.08 -44.90
N ILE B 255 30.64 -30.71 -44.55
CA ILE B 255 30.41 -29.78 -43.44
C ILE B 255 29.60 -30.51 -42.35
N LEU B 256 30.19 -30.63 -41.16
CA LEU B 256 29.50 -31.17 -39.99
C LEU B 256 28.77 -30.04 -39.27
N ALA B 257 27.47 -30.20 -39.06
CA ALA B 257 26.63 -29.14 -38.47
C ALA B 257 25.48 -29.76 -37.69
N THR B 258 25.78 -30.75 -36.83
CA THR B 258 24.77 -31.59 -36.18
C THR B 258 24.30 -31.10 -34.81
N GLY B 259 24.88 -30.02 -34.27
CA GLY B 259 24.34 -29.43 -33.04
C GLY B 259 24.45 -30.29 -31.79
N GLU B 260 23.62 -29.95 -30.79
CA GLU B 260 23.61 -30.56 -29.46
C GLU B 260 22.19 -30.95 -29.05
N ARG B 261 22.04 -31.68 -27.95
CA ARG B 261 20.75 -31.99 -27.33
C ARG B 261 20.86 -31.85 -25.81
N PRO B 262 19.73 -31.74 -25.11
CA PRO B 262 19.77 -31.55 -23.65
C PRO B 262 20.35 -32.74 -22.89
N LYS B 263 21.06 -32.42 -21.80
CA LYS B 263 21.51 -33.43 -20.84
C LYS B 263 20.46 -33.71 -19.76
N TYR B 264 20.54 -34.92 -19.19
CA TYR B 264 19.81 -35.32 -17.99
C TYR B 264 20.79 -35.64 -16.86
N PRO B 265 20.44 -35.33 -15.61
CA PRO B 265 21.29 -35.78 -14.51
C PRO B 265 21.13 -37.28 -14.27
N GLU B 266 22.19 -37.90 -13.74
CA GLU B 266 22.23 -39.34 -13.51
C GLU B 266 21.59 -39.64 -12.15
N ILE B 267 20.27 -39.56 -12.10
CA ILE B 267 19.50 -39.87 -10.89
C ILE B 267 18.27 -40.68 -11.26
N PRO B 268 17.75 -41.47 -10.32
CA PRO B 268 16.57 -42.29 -10.63
C PRO B 268 15.36 -41.44 -11.00
N GLY B 269 14.67 -41.85 -12.06
CA GLY B 269 13.43 -41.23 -12.47
C GLY B 269 13.56 -40.05 -13.41
N ALA B 270 14.77 -39.55 -13.67
CA ALA B 270 14.93 -38.31 -14.44
C ALA B 270 14.47 -38.49 -15.89
N VAL B 271 15.00 -39.51 -16.58
CA VAL B 271 14.66 -39.78 -17.97
C VAL B 271 13.22 -40.26 -18.08
N GLU B 272 12.78 -41.09 -17.12
CA GLU B 272 11.45 -41.68 -17.19
C GLU B 272 10.34 -40.66 -16.97
N TYR B 273 10.50 -39.73 -16.02
CA TYR B 273 9.38 -38.94 -15.55
C TYR B 273 9.51 -37.43 -15.73
N GLY B 274 10.71 -36.92 -16.00
CA GLY B 274 10.89 -35.50 -16.30
C GLY B 274 10.86 -35.23 -17.80
N ILE B 275 10.95 -33.95 -18.16
CA ILE B 275 10.99 -33.52 -19.56
C ILE B 275 12.09 -32.47 -19.71
N THR B 276 12.36 -32.06 -20.94
CA THR B 276 13.31 -30.96 -21.22
C THR B 276 12.64 -29.94 -22.12
N SER B 277 13.40 -28.90 -22.47
CA SER B 277 12.91 -27.90 -23.42
C SER B 277 12.51 -28.51 -24.76
N ASP B 278 13.11 -29.64 -25.15
CA ASP B 278 12.71 -30.34 -26.38
C ASP B 278 11.23 -30.71 -26.36
N ASP B 279 10.68 -31.03 -25.18
CA ASP B 279 9.29 -31.45 -25.08
C ASP B 279 8.34 -30.28 -24.78
N LEU B 280 8.85 -29.23 -24.13
CA LEU B 280 7.98 -28.19 -23.59
C LEU B 280 7.21 -27.45 -24.68
N PHE B 281 7.85 -27.16 -25.80
CA PHE B 281 7.28 -26.23 -26.77
C PHE B 281 6.13 -26.81 -27.59
N SER B 282 5.91 -28.13 -27.54
CA SER B 282 4.76 -28.76 -28.18
C SER B 282 3.90 -29.54 -27.19
N LEU B 283 4.07 -29.33 -25.88
CA LEU B 283 3.38 -30.13 -24.87
C LEU B 283 1.86 -30.03 -25.02
N PRO B 284 1.13 -31.14 -25.15
CA PRO B 284 -0.32 -31.04 -25.44
C PRO B 284 -1.17 -30.68 -24.22
N TYR B 285 -0.60 -30.67 -23.03
CA TYR B 285 -1.32 -30.28 -21.81
C TYR B 285 -0.54 -29.17 -21.10
N PHE B 286 -1.25 -28.35 -20.31
CA PHE B 286 -0.57 -27.34 -19.51
C PHE B 286 0.28 -28.03 -18.44
N PRO B 287 1.51 -27.59 -18.23
CA PRO B 287 2.39 -28.30 -17.28
C PRO B 287 1.87 -28.32 -15.84
N GLY B 288 1.01 -27.37 -15.45
CA GLY B 288 0.58 -27.29 -14.06
C GLY B 288 1.68 -26.79 -13.13
N LYS B 289 1.60 -27.19 -11.85
CA LYS B 289 2.64 -26.85 -10.90
C LYS B 289 3.98 -27.47 -11.32
N THR B 290 4.98 -26.61 -11.57
CA THR B 290 6.19 -26.99 -12.27
C THR B 290 7.45 -26.72 -11.45
N LEU B 291 8.40 -27.64 -11.53
CA LEU B 291 9.76 -27.46 -11.01
C LEU B 291 10.74 -27.42 -12.18
N VAL B 292 11.55 -26.36 -12.23
CA VAL B 292 12.65 -26.26 -13.18
C VAL B 292 13.96 -26.51 -12.43
N ILE B 293 14.70 -27.54 -12.83
CA ILE B 293 16.01 -27.86 -12.26
C ILE B 293 17.11 -27.29 -13.16
N GLY B 294 17.91 -26.38 -12.62
CA GLY B 294 18.95 -25.69 -13.37
C GLY B 294 18.84 -24.18 -13.23
N ALA B 295 19.89 -23.51 -13.77
CA ALA B 295 20.02 -22.06 -13.61
C ALA B 295 20.68 -21.37 -14.80
N SER B 296 20.65 -22.00 -15.98
CA SER B 296 21.12 -21.47 -17.25
C SER B 296 20.12 -20.44 -17.80
N TYR B 297 20.45 -19.82 -18.93
CA TYR B 297 19.48 -18.91 -19.53
C TYR B 297 18.23 -19.67 -19.98
N VAL B 298 18.37 -20.93 -20.41
CA VAL B 298 17.20 -21.72 -20.78
C VAL B 298 16.29 -21.92 -19.56
N ALA B 299 16.87 -22.31 -18.43
CA ALA B 299 16.08 -22.54 -17.22
C ALA B 299 15.30 -21.30 -16.81
N LEU B 300 15.97 -20.14 -16.74
CA LEU B 300 15.32 -18.92 -16.25
C LEU B 300 14.30 -18.37 -17.26
N GLU B 301 14.61 -18.46 -18.56
CA GLU B 301 13.65 -18.02 -19.56
C GLU B 301 12.35 -18.82 -19.49
N CYS B 302 12.45 -20.16 -19.36
CA CYS B 302 11.26 -20.99 -19.30
C CYS B 302 10.47 -20.78 -18.01
N ALA B 303 11.15 -20.73 -16.85
CA ALA B 303 10.45 -20.47 -15.59
C ALA B 303 9.74 -19.13 -15.65
N GLY B 304 10.38 -18.14 -16.28
CA GLY B 304 9.81 -16.80 -16.34
C GLY B 304 8.50 -16.73 -17.09
N PHE B 305 8.44 -17.31 -18.30
CA PHE B 305 7.16 -17.19 -19.01
C PHE B 305 6.09 -18.10 -18.41
N LEU B 306 6.45 -19.25 -17.84
CA LEU B 306 5.43 -20.08 -17.19
C LEU B 306 4.79 -19.34 -16.01
N ALA B 307 5.59 -18.58 -15.24
CA ALA B 307 5.04 -17.79 -14.14
C ALA B 307 4.11 -16.67 -14.65
N SER B 308 4.49 -16.00 -15.73
CA SER B 308 3.65 -14.91 -16.25
C SER B 308 2.35 -15.41 -16.84
N LEU B 309 2.32 -16.65 -17.32
CA LEU B 309 1.08 -17.20 -17.82
C LEU B 309 0.14 -17.60 -16.68
N GLY B 310 0.59 -17.50 -15.44
CA GLY B 310 -0.22 -17.84 -14.29
C GLY B 310 0.18 -19.10 -13.56
N GLY B 311 1.32 -19.71 -13.91
CA GLY B 311 1.70 -20.96 -13.31
C GLY B 311 2.37 -20.83 -11.94
N ASP B 312 2.32 -21.93 -11.20
CA ASP B 312 2.99 -22.10 -9.92
C ASP B 312 4.37 -22.72 -10.20
N VAL B 313 5.42 -21.90 -10.17
CA VAL B 313 6.73 -22.28 -10.71
C VAL B 313 7.81 -22.14 -9.63
N THR B 314 8.65 -23.17 -9.51
CA THR B 314 9.82 -23.17 -8.63
C THR B 314 11.07 -23.51 -9.43
N VAL B 315 12.19 -22.83 -9.14
CA VAL B 315 13.50 -23.11 -9.75
C VAL B 315 14.45 -23.63 -8.68
N MET B 316 15.10 -24.76 -8.93
CA MET B 316 16.06 -25.35 -7.99
C MET B 316 17.49 -25.08 -8.48
N VAL B 317 18.26 -24.33 -7.69
CA VAL B 317 19.54 -23.76 -8.12
C VAL B 317 20.68 -24.42 -7.34
N ARG B 318 21.60 -25.06 -8.04
CA ARG B 318 22.71 -25.76 -7.36
C ARG B 318 23.61 -24.77 -6.63
N SER B 319 24.05 -23.70 -7.32
CA SER B 319 24.93 -22.69 -6.74
C SER B 319 24.50 -21.26 -7.12
N ILE B 320 24.86 -20.80 -8.31
CA ILE B 320 24.60 -19.42 -8.74
C ILE B 320 23.72 -19.42 -10.00
N LEU B 321 23.17 -18.25 -10.32
CA LEU B 321 22.43 -18.04 -11.56
C LEU B 321 23.36 -17.61 -12.69
N LEU B 322 23.10 -18.11 -13.90
CA LEU B 322 23.75 -17.62 -15.13
C LEU B 322 25.29 -17.64 -15.04
N ARG B 323 25.84 -18.77 -14.60
CA ARG B 323 27.29 -18.92 -14.56
C ARG B 323 27.93 -18.53 -15.89
N GLY B 324 28.96 -17.67 -15.83
CA GLY B 324 29.63 -17.18 -17.01
C GLY B 324 29.18 -15.80 -17.46
N PHE B 325 28.01 -15.35 -17.01
CA PHE B 325 27.56 -13.98 -17.21
C PHE B 325 27.96 -13.11 -16.02
N ASP B 326 27.99 -11.80 -16.24
CA ASP B 326 28.22 -10.80 -15.20
C ASP B 326 27.33 -11.06 -13.99
N GLN B 327 27.94 -11.31 -12.83
CA GLN B 327 27.15 -11.80 -11.71
C GLN B 327 26.33 -10.73 -11.00
N GLN B 328 26.73 -9.44 -11.09
CA GLN B 328 25.85 -8.37 -10.59
C GLN B 328 24.55 -8.34 -11.40
N MET B 329 24.68 -8.37 -12.73
CA MET B 329 23.50 -8.45 -13.61
C MET B 329 22.66 -9.70 -13.35
N ALA B 330 23.31 -10.85 -13.20
CA ALA B 330 22.58 -12.10 -12.96
C ALA B 330 21.76 -12.03 -11.68
N GLU B 331 22.33 -11.43 -10.62
CA GLU B 331 21.58 -11.32 -9.38
C GLU B 331 20.40 -10.35 -9.52
N LYS B 332 20.55 -9.26 -10.30
CA LYS B 332 19.40 -8.38 -10.51
C LYS B 332 18.29 -9.06 -11.31
N VAL B 333 18.67 -9.91 -12.28
CA VAL B 333 17.70 -10.69 -13.04
C VAL B 333 16.87 -11.58 -12.13
N GLY B 334 17.55 -12.31 -11.24
CA GLY B 334 16.85 -13.24 -10.36
C GLY B 334 16.01 -12.54 -9.29
N ASP B 335 16.52 -11.42 -8.75
CA ASP B 335 15.75 -10.65 -7.78
C ASP B 335 14.42 -10.17 -8.36
N TYR B 336 14.44 -9.69 -9.63
CA TYR B 336 13.19 -9.29 -10.27
C TYR B 336 12.24 -10.48 -10.37
N MET B 337 12.74 -11.64 -10.80
CA MET B 337 11.90 -12.82 -10.97
C MET B 337 11.28 -13.24 -9.64
N GLU B 338 12.07 -13.21 -8.56
CA GLU B 338 11.58 -13.61 -7.25
C GLU B 338 10.50 -12.65 -6.73
N ASN B 339 10.64 -11.36 -7.02
CA ASN B 339 9.63 -10.39 -6.62
C ASN B 339 8.37 -10.46 -7.47
N HIS B 340 8.41 -11.13 -8.61
CA HIS B 340 7.29 -11.20 -9.55
C HIS B 340 6.86 -12.65 -9.78
N GLY B 341 6.87 -13.45 -8.73
CA GLY B 341 6.11 -14.69 -8.71
C GLY B 341 6.85 -15.97 -9.04
N VAL B 342 8.17 -15.95 -9.19
CA VAL B 342 8.96 -17.17 -9.34
C VAL B 342 9.55 -17.54 -7.98
N LYS B 343 9.29 -18.76 -7.51
CA LYS B 343 9.92 -19.25 -6.28
C LYS B 343 11.25 -19.92 -6.56
N PHE B 344 12.20 -19.79 -5.63
CA PHE B 344 13.53 -20.37 -5.80
C PHE B 344 13.86 -21.28 -4.62
N ALA B 345 14.37 -22.48 -4.92
CA ALA B 345 14.99 -23.35 -3.90
C ALA B 345 16.50 -23.24 -4.08
N LYS B 346 17.13 -22.44 -3.22
CA LYS B 346 18.52 -22.05 -3.40
C LYS B 346 19.47 -23.03 -2.72
N LEU B 347 20.65 -23.20 -3.32
CA LEU B 347 21.69 -24.11 -2.82
C LEU B 347 21.15 -25.53 -2.62
N CYS B 348 20.54 -26.08 -3.69
CA CYS B 348 19.79 -27.34 -3.59
C CYS B 348 19.97 -28.18 -4.85
N VAL B 349 20.01 -29.51 -4.69
CA VAL B 349 20.14 -30.41 -5.84
C VAL B 349 19.16 -31.56 -5.69
N PRO B 350 18.78 -32.19 -6.80
CA PRO B 350 17.86 -33.35 -6.75
C PRO B 350 18.57 -34.68 -6.56
N ASP B 351 17.88 -35.59 -5.85
CA ASP B 351 18.35 -36.96 -5.63
C ASP B 351 17.54 -38.03 -6.38
N GLU B 352 16.24 -37.82 -6.57
CA GLU B 352 15.39 -38.81 -7.24
C GLU B 352 14.04 -38.19 -7.56
N ILE B 353 13.43 -38.68 -8.64
CA ILE B 353 12.08 -38.33 -9.06
C ILE B 353 11.22 -39.59 -8.98
N LYS B 354 10.16 -39.55 -8.17
CA LYS B 354 9.24 -40.68 -7.98
C LYS B 354 7.90 -40.39 -8.65
N GLN B 355 7.32 -41.39 -9.32
CA GLN B 355 6.05 -41.17 -9.99
C GLN B 355 4.89 -41.45 -9.03
N LEU B 356 3.95 -40.51 -8.94
CA LEU B 356 2.73 -40.72 -8.17
C LEU B 356 1.49 -40.92 -9.04
N LYS B 357 1.41 -40.26 -10.21
CA LYS B 357 0.38 -40.51 -11.19
C LYS B 357 0.99 -40.46 -12.59
N VAL B 358 0.54 -41.37 -13.46
CA VAL B 358 0.92 -41.36 -14.87
C VAL B 358 0.23 -40.22 -15.60
N VAL B 359 0.91 -39.66 -16.61
CA VAL B 359 0.30 -38.65 -17.47
C VAL B 359 -0.98 -39.18 -18.10
N ASP B 360 -2.05 -38.38 -18.05
CA ASP B 360 -3.36 -38.76 -18.57
C ASP B 360 -3.45 -38.26 -20.00
N THR B 361 -3.03 -39.11 -20.94
CA THR B 361 -2.88 -38.71 -22.32
C THR B 361 -4.21 -38.54 -23.05
N GLU B 362 -5.29 -39.15 -22.56
CA GLU B 362 -6.59 -39.00 -23.22
C GLU B 362 -7.32 -37.74 -22.77
N ASN B 363 -7.41 -37.50 -21.47
CA ASN B 363 -8.05 -36.30 -20.95
C ASN B 363 -7.10 -35.09 -20.89
N ASN B 364 -5.88 -35.23 -21.40
CA ASN B 364 -4.97 -34.11 -21.62
C ASN B 364 -4.63 -33.40 -20.31
N LYS B 365 -4.07 -34.17 -19.38
CA LYS B 365 -3.72 -33.68 -18.06
C LYS B 365 -2.34 -34.22 -17.69
N PRO B 366 -1.55 -33.45 -16.94
CA PRO B 366 -0.25 -33.96 -16.48
C PRO B 366 -0.43 -35.07 -15.46
N GLY B 367 0.68 -35.72 -15.12
CA GLY B 367 0.73 -36.65 -14.02
C GLY B 367 1.03 -35.96 -12.70
N LEU B 368 1.72 -36.66 -11.82
CA LEU B 368 2.11 -36.11 -10.53
C LEU B 368 3.38 -36.81 -10.06
N LEU B 369 4.32 -36.04 -9.54
CA LEU B 369 5.66 -36.51 -9.21
C LEU B 369 6.05 -36.07 -7.80
N LEU B 370 6.86 -36.88 -7.13
CA LEU B 370 7.47 -36.50 -5.86
C LEU B 370 8.96 -36.28 -6.07
N VAL B 371 9.44 -35.07 -5.80
CA VAL B 371 10.84 -34.75 -5.98
C VAL B 371 11.52 -34.75 -4.62
N LYS B 372 12.62 -35.51 -4.50
CA LYS B 372 13.42 -35.57 -3.29
C LYS B 372 14.82 -35.06 -3.60
N GLY B 373 15.33 -34.19 -2.74
CA GLY B 373 16.67 -33.69 -2.89
C GLY B 373 17.18 -33.20 -1.54
N HIS B 374 18.30 -32.49 -1.57
CA HIS B 374 18.85 -31.99 -0.32
C HIS B 374 19.54 -30.66 -0.54
N TYR B 375 19.53 -29.83 0.51
CA TYR B 375 20.17 -28.54 0.50
C TYR B 375 21.64 -28.68 0.88
N THR B 376 22.42 -27.65 0.56
CA THR B 376 23.87 -27.76 0.65
C THR B 376 24.35 -27.88 2.09
N ASP B 377 23.56 -27.42 3.07
CA ASP B 377 23.93 -27.64 4.46
C ASP B 377 23.71 -29.10 4.85
N GLY B 378 22.55 -29.64 4.50
CA GLY B 378 22.22 -31.03 4.75
C GLY B 378 20.74 -31.26 4.98
N LYS B 379 19.94 -30.20 4.95
CA LYS B 379 18.49 -30.36 5.08
C LYS B 379 17.90 -31.04 3.84
N LYS B 380 16.75 -31.69 4.03
CA LYS B 380 16.06 -32.40 2.96
C LYS B 380 15.05 -31.52 2.23
N PHE B 381 14.91 -31.77 0.93
CA PHE B 381 13.88 -31.21 0.07
C PHE B 381 12.89 -32.31 -0.30
N GLU B 382 11.60 -32.04 -0.14
CA GLU B 382 10.58 -33.00 -0.59
C GLU B 382 9.28 -32.26 -0.86
N GLU B 383 8.83 -32.31 -2.11
CA GLU B 383 7.67 -31.53 -2.57
C GLU B 383 7.10 -32.20 -3.82
N GLU B 384 5.79 -32.06 -4.00
CA GLU B 384 5.07 -32.64 -5.15
C GLU B 384 4.89 -31.62 -6.27
N PHE B 385 5.12 -32.07 -7.52
CA PHE B 385 5.01 -31.24 -8.71
C PHE B 385 4.27 -32.02 -9.80
N GLU B 386 3.54 -31.30 -10.67
CA GLU B 386 2.91 -31.98 -11.80
C GLU B 386 3.86 -32.17 -12.98
N THR B 387 4.81 -31.26 -13.18
CA THR B 387 5.79 -31.35 -14.28
C THR B 387 7.18 -30.98 -13.73
N VAL B 388 8.21 -31.71 -14.15
CA VAL B 388 9.60 -31.43 -13.76
C VAL B 388 10.44 -31.24 -15.02
N ILE B 389 11.06 -30.05 -15.17
CA ILE B 389 11.83 -29.73 -16.39
C ILE B 389 13.31 -29.66 -16.05
N PHE B 390 14.13 -30.46 -16.75
CA PHE B 390 15.58 -30.40 -16.58
C PHE B 390 16.19 -29.43 -17.60
N ALA B 391 16.94 -28.44 -17.09
CA ALA B 391 17.74 -27.52 -17.91
C ALA B 391 19.14 -27.44 -17.33
N VAL B 392 19.91 -28.52 -17.50
CA VAL B 392 21.22 -28.67 -16.87
C VAL B 392 22.33 -28.79 -17.91
N GLY B 393 22.21 -28.10 -19.03
CA GLY B 393 23.23 -28.10 -20.06
C GLY B 393 22.86 -28.95 -21.26
N ARG B 394 23.67 -28.79 -22.33
CA ARG B 394 23.50 -29.47 -23.61
C ARG B 394 24.85 -30.01 -24.07
N GLU B 395 24.82 -31.07 -24.89
CA GLU B 395 26.06 -31.71 -25.33
C GLU B 395 25.91 -32.30 -26.71
N PRO B 396 26.99 -32.38 -27.48
CA PRO B 396 26.93 -33.11 -28.77
C PRO B 396 27.16 -34.58 -28.51
N GLN B 397 26.86 -35.39 -29.51
CA GLN B 397 27.11 -36.82 -29.41
C GLN B 397 27.71 -37.26 -30.74
N LEU B 398 28.93 -36.80 -31.00
CA LEU B 398 29.55 -37.01 -32.29
C LEU B 398 29.94 -38.47 -32.53
N SER B 399 29.96 -39.30 -31.48
CA SER B 399 30.14 -40.73 -31.70
C SER B 399 29.05 -41.29 -32.60
N LYS B 400 27.86 -40.68 -32.57
CA LYS B 400 26.79 -41.05 -33.51
C LYS B 400 27.16 -40.67 -34.95
N VAL B 401 27.85 -39.54 -35.11
CA VAL B 401 28.02 -38.91 -36.41
C VAL B 401 29.33 -39.28 -37.09
N LEU B 402 30.35 -39.66 -36.33
CA LEU B 402 31.73 -39.56 -36.78
C LEU B 402 32.49 -40.83 -36.38
N CYS B 403 32.87 -41.65 -37.37
CA CYS B 403 33.70 -42.80 -37.08
C CYS B 403 35.10 -42.37 -36.64
N GLU B 404 35.58 -42.95 -35.54
CA GLU B 404 36.88 -42.57 -34.98
C GLU B 404 38.04 -42.85 -35.94
N THR B 405 37.86 -43.76 -36.92
CA THR B 405 38.95 -44.02 -37.84
C THR B 405 39.15 -42.90 -38.85
N VAL B 406 38.16 -42.02 -39.03
CA VAL B 406 38.30 -40.92 -39.98
C VAL B 406 39.42 -39.98 -39.57
N GLY B 407 39.59 -39.75 -38.28
CA GLY B 407 40.66 -38.93 -37.77
C GLY B 407 40.32 -37.48 -37.42
N VAL B 408 39.05 -37.17 -37.19
CA VAL B 408 38.65 -35.81 -36.80
C VAL B 408 38.84 -35.64 -35.30
N LYS B 409 39.69 -34.69 -34.91
CA LYS B 409 40.03 -34.50 -33.50
C LYS B 409 38.92 -33.78 -32.74
N LEU B 410 38.60 -34.30 -31.54
CA LEU B 410 37.64 -33.70 -30.61
C LEU B 410 38.35 -33.31 -29.32
N ASP B 411 37.75 -32.36 -28.59
CA ASP B 411 38.31 -31.93 -27.32
C ASP B 411 37.72 -32.77 -26.17
N LYS B 412 38.09 -32.43 -24.94
CA LYS B 412 37.65 -33.23 -23.80
C LYS B 412 36.17 -33.09 -23.50
N ASN B 413 35.49 -32.08 -24.06
CA ASN B 413 34.04 -31.97 -23.98
C ASN B 413 33.30 -32.63 -25.14
N GLY B 414 34.03 -33.17 -26.12
CA GLY B 414 33.39 -33.79 -27.26
C GLY B 414 33.06 -32.88 -28.42
N ARG B 415 33.61 -31.66 -28.46
CA ARG B 415 33.38 -30.76 -29.58
C ARG B 415 34.59 -30.81 -30.54
N VAL B 416 34.38 -30.32 -31.77
CA VAL B 416 35.38 -30.46 -32.84
C VAL B 416 36.41 -29.34 -32.76
N VAL B 417 37.69 -29.71 -32.80
CA VAL B 417 38.80 -28.74 -32.78
C VAL B 417 39.05 -28.24 -34.20
N CYS B 418 38.89 -26.92 -34.41
CA CYS B 418 38.94 -26.34 -35.74
C CYS B 418 39.96 -25.20 -35.82
N THR B 419 40.43 -24.94 -37.05
CA THR B 419 41.21 -23.75 -37.38
C THR B 419 40.30 -22.52 -37.42
N ASP B 420 40.90 -21.35 -37.65
CA ASP B 420 40.09 -20.13 -37.69
C ASP B 420 39.28 -19.99 -38.98
N ASP B 421 39.38 -20.95 -39.91
CA ASP B 421 38.51 -21.03 -41.07
C ASP B 421 37.64 -22.28 -41.06
N GLU B 422 37.38 -22.84 -39.87
CA GLU B 422 36.46 -23.94 -39.58
C GLU B 422 36.95 -25.31 -40.07
N GLN B 423 38.22 -25.42 -40.49
CA GLN B 423 38.74 -26.71 -40.98
C GLN B 423 39.09 -27.64 -39.83
N THR B 424 38.76 -28.93 -39.97
CA THR B 424 39.08 -29.92 -38.95
C THR B 424 40.50 -30.43 -39.18
N THR B 425 40.91 -31.46 -38.43
CA THR B 425 42.19 -32.14 -38.66
C THR B 425 42.18 -33.00 -39.93
N VAL B 426 41.04 -33.13 -40.60
CA VAL B 426 40.94 -33.81 -41.89
C VAL B 426 40.59 -32.74 -42.93
N SER B 427 41.40 -32.66 -43.99
CA SER B 427 41.55 -31.40 -44.74
C SER B 427 40.27 -30.99 -45.51
N ASN B 428 39.43 -31.94 -45.90
CA ASN B 428 38.23 -31.63 -46.67
C ASN B 428 36.98 -31.52 -45.81
N VAL B 429 37.12 -31.62 -44.48
CA VAL B 429 36.01 -31.69 -43.53
C VAL B 429 36.05 -30.46 -42.63
N TYR B 430 34.90 -29.78 -42.49
CA TYR B 430 34.75 -28.55 -41.72
C TYR B 430 33.65 -28.75 -40.69
N ALA B 431 33.65 -27.91 -39.64
CA ALA B 431 32.58 -27.97 -38.64
C ALA B 431 32.12 -26.55 -38.29
N ILE B 432 30.81 -26.36 -38.17
CA ILE B 432 30.23 -25.05 -37.86
C ILE B 432 29.17 -25.18 -36.77
N GLY B 433 28.85 -24.05 -36.14
CA GLY B 433 27.74 -24.04 -35.19
C GLY B 433 28.15 -24.53 -33.82
N ASP B 434 27.18 -25.11 -33.08
CA ASP B 434 27.40 -25.40 -31.67
C ASP B 434 28.48 -26.46 -31.43
N ILE B 435 28.82 -27.29 -32.43
CA ILE B 435 29.84 -28.32 -32.20
C ILE B 435 31.27 -27.83 -32.44
N ASN B 436 31.47 -26.60 -32.91
CA ASN B 436 32.80 -26.03 -33.10
C ASN B 436 33.34 -25.56 -31.74
N ALA B 437 34.38 -26.22 -31.24
CA ALA B 437 34.85 -25.97 -29.88
C ALA B 437 35.30 -24.53 -29.66
N GLY B 438 34.89 -23.96 -28.52
CA GLY B 438 35.34 -22.65 -28.09
C GLY B 438 34.57 -21.45 -28.64
N LYS B 439 33.56 -21.67 -29.53
CA LYS B 439 32.80 -20.59 -30.17
C LYS B 439 31.49 -20.32 -29.45
N PRO B 440 31.01 -19.07 -29.51
CA PRO B 440 29.71 -18.73 -28.92
C PRO B 440 28.61 -19.57 -29.57
N GLN B 441 27.73 -20.13 -28.75
CA GLN B 441 26.74 -21.08 -29.26
C GLN B 441 25.43 -20.33 -29.51
N LEU B 442 25.37 -19.66 -30.66
CA LEU B 442 24.24 -18.78 -31.01
C LEU B 442 23.85 -18.96 -32.48
N THR B 443 22.56 -18.77 -32.77
CA THR B 443 22.08 -18.95 -34.15
C THR B 443 22.70 -18.00 -35.16
N PRO B 444 22.79 -16.67 -34.92
CA PRO B 444 23.42 -15.82 -35.94
C PRO B 444 24.91 -16.09 -36.14
N VAL B 445 25.61 -16.65 -35.13
CA VAL B 445 27.00 -17.07 -35.33
C VAL B 445 27.07 -18.26 -36.30
N ALA B 446 26.23 -19.28 -36.08
CA ALA B 446 26.20 -20.44 -36.97
C ALA B 446 25.89 -20.05 -38.43
N ILE B 447 24.95 -19.12 -38.62
CA ILE B 447 24.57 -18.67 -39.97
C ILE B 447 25.74 -17.94 -40.64
N GLN B 448 26.36 -17.00 -39.94
CA GLN B 448 27.49 -16.27 -40.50
C GLN B 448 28.66 -17.22 -40.83
N ALA B 449 28.94 -18.18 -39.93
CA ALA B 449 30.02 -19.13 -40.19
C ALA B 449 29.74 -19.96 -41.45
N GLY B 450 28.51 -20.48 -41.56
CA GLY B 450 28.16 -21.31 -42.72
C GLY B 450 28.18 -20.55 -44.04
N ARG B 451 27.58 -19.36 -44.07
CA ARG B 451 27.59 -18.59 -45.32
C ARG B 451 29.00 -18.16 -45.71
N TYR B 452 29.79 -17.65 -44.76
CA TYR B 452 31.14 -17.20 -45.10
C TYR B 452 32.02 -18.38 -45.56
N LEU B 453 31.84 -19.55 -44.95
CA LEU B 453 32.62 -20.73 -45.34
C LEU B 453 32.27 -21.17 -46.76
N ALA B 454 30.97 -21.21 -47.08
CA ALA B 454 30.54 -21.59 -48.42
C ALA B 454 31.17 -20.68 -49.48
N ARG B 455 31.30 -19.39 -49.18
CA ARG B 455 31.85 -18.45 -50.16
C ARG B 455 33.35 -18.67 -50.35
N ARG B 456 34.06 -19.01 -49.28
CA ARG B 456 35.49 -19.30 -49.41
C ARG B 456 35.71 -20.57 -50.23
N LEU B 457 34.88 -21.60 -50.01
CA LEU B 457 35.07 -22.87 -50.73
C LEU B 457 34.72 -22.74 -52.21
N PHE B 458 33.64 -22.02 -52.55
CA PHE B 458 33.11 -22.13 -53.90
C PHE B 458 33.09 -20.82 -54.68
N ALA B 459 33.49 -19.69 -54.09
CA ALA B 459 33.53 -18.44 -54.82
C ALA B 459 34.83 -17.67 -54.64
N GLY B 460 35.87 -18.29 -54.08
CA GLY B 460 37.14 -17.63 -53.92
C GLY B 460 37.13 -16.47 -52.94
N ALA B 461 36.20 -16.46 -51.98
CA ALA B 461 36.22 -15.44 -50.95
C ALA B 461 37.36 -15.70 -49.97
N THR B 462 37.74 -14.64 -49.23
CA THR B 462 38.74 -14.75 -48.18
C THR B 462 38.26 -14.32 -46.79
N GLU B 463 37.10 -13.68 -46.68
CA GLU B 463 36.64 -13.16 -45.39
C GLU B 463 36.39 -14.29 -44.39
N LEU B 464 36.91 -14.13 -43.17
CA LEU B 464 36.67 -15.05 -42.05
C LEU B 464 35.56 -14.53 -41.15
N THR B 465 34.98 -15.43 -40.36
CA THR B 465 34.02 -15.04 -39.32
C THR B 465 34.77 -14.50 -38.08
N ASP B 466 34.30 -13.35 -37.56
CA ASP B 466 34.86 -12.75 -36.34
C ASP B 466 33.99 -13.15 -35.16
N TYR B 467 34.55 -13.94 -34.24
CA TYR B 467 33.80 -14.47 -33.10
C TYR B 467 33.94 -13.61 -31.84
N SER B 468 34.59 -12.44 -31.90
CA SER B 468 34.83 -11.64 -30.70
C SER B 468 33.72 -10.63 -30.45
N ASN B 469 33.44 -10.38 -29.17
CA ASN B 469 32.48 -9.36 -28.73
C ASN B 469 31.10 -9.56 -29.40
N VAL B 470 30.63 -10.81 -29.45
CA VAL B 470 29.30 -11.08 -30.00
C VAL B 470 28.24 -10.81 -28.94
N ALA B 471 27.29 -9.92 -29.26
CA ALA B 471 26.28 -9.51 -28.29
C ALA B 471 25.23 -10.60 -28.04
N THR B 472 24.61 -10.56 -26.84
CA THR B 472 23.64 -11.57 -26.40
C THR B 472 22.44 -10.88 -25.76
N THR B 473 21.32 -11.60 -25.68
CA THR B 473 20.20 -11.15 -24.84
C THR B 473 19.54 -12.36 -24.20
N VAL B 474 19.35 -12.28 -22.89
CA VAL B 474 18.60 -13.27 -22.12
C VAL B 474 17.16 -12.77 -21.98
N PHE B 475 16.19 -13.55 -22.45
CA PHE B 475 14.80 -13.08 -22.53
C PHE B 475 13.98 -13.51 -21.30
N THR B 476 14.51 -13.15 -20.12
CA THR B 476 13.80 -13.27 -18.84
C THR B 476 12.70 -12.21 -18.74
N PRO B 477 11.80 -12.31 -17.73
CA PRO B 477 10.66 -11.35 -17.64
C PRO B 477 11.07 -9.89 -17.77
N LEU B 478 12.15 -9.49 -17.10
CA LEU B 478 12.90 -8.28 -17.41
C LEU B 478 14.16 -8.73 -18.16
N GLU B 479 14.33 -8.26 -19.39
CA GLU B 479 15.37 -8.76 -20.30
C GLU B 479 16.75 -8.19 -19.96
N TYR B 480 17.82 -8.97 -20.27
CA TYR B 480 19.20 -8.59 -19.99
C TYR B 480 20.05 -8.71 -21.25
N GLY B 481 20.52 -7.58 -21.79
CA GLY B 481 21.37 -7.57 -22.97
C GLY B 481 22.80 -7.23 -22.61
N ALA B 482 23.76 -7.79 -23.36
CA ALA B 482 25.18 -7.56 -23.05
C ALA B 482 26.02 -7.61 -24.33
N CYS B 483 27.15 -6.88 -24.32
CA CYS B 483 28.14 -7.00 -25.39
C CYS B 483 29.52 -6.76 -24.80
N GLY B 484 30.40 -7.76 -24.85
CA GLY B 484 31.76 -7.63 -24.32
C GLY B 484 31.95 -8.31 -22.97
N LEU B 485 32.96 -7.84 -22.23
CA LEU B 485 33.33 -8.44 -20.95
C LEU B 485 32.38 -8.12 -19.80
N SER B 486 32.17 -9.10 -18.92
CA SER B 486 31.62 -8.86 -17.59
C SER B 486 32.60 -7.98 -16.81
N GLU B 487 32.08 -7.32 -15.76
CA GLU B 487 32.94 -6.47 -14.92
C GLU B 487 34.03 -7.30 -14.24
N GLU B 488 33.69 -8.50 -13.77
CA GLU B 488 34.71 -9.29 -13.08
C GLU B 488 35.79 -9.79 -14.04
N ASP B 489 35.43 -10.13 -15.29
CA ASP B 489 36.48 -10.55 -16.23
C ASP B 489 37.40 -9.40 -16.62
N ALA B 490 36.85 -8.18 -16.79
CA ALA B 490 37.70 -7.03 -17.06
C ALA B 490 38.67 -6.77 -15.91
N ILE B 491 38.18 -6.83 -14.67
CA ILE B 491 39.04 -6.57 -13.52
C ILE B 491 40.12 -7.64 -13.43
N GLU B 492 39.78 -8.90 -13.70
CA GLU B 492 40.80 -9.94 -13.59
C GLU B 492 41.85 -9.78 -14.68
N LYS B 493 41.44 -9.38 -15.90
CA LYS B 493 42.36 -9.24 -17.03
C LYS B 493 43.31 -8.05 -16.86
N TYR B 494 42.81 -6.91 -16.40
CA TYR B 494 43.58 -5.66 -16.42
C TYR B 494 43.91 -5.09 -15.04
N GLY B 495 43.28 -5.59 -13.97
CA GLY B 495 43.48 -5.02 -12.65
C GLY B 495 42.47 -3.94 -12.26
N ASP B 496 42.07 -3.92 -11.00
CA ASP B 496 41.01 -3.01 -10.56
C ASP B 496 41.37 -1.54 -10.81
N LYS B 497 42.64 -1.17 -10.62
CA LYS B 497 43.00 0.24 -10.77
C LYS B 497 42.94 0.74 -12.22
N ASP B 498 42.90 -0.17 -13.20
CA ASP B 498 42.81 0.23 -14.61
C ASP B 498 41.39 0.17 -15.16
N ILE B 499 40.38 -0.09 -14.32
CA ILE B 499 38.99 -0.26 -14.75
C ILE B 499 38.14 0.86 -14.12
N GLU B 500 37.33 1.52 -14.95
CA GLU B 500 36.34 2.50 -14.50
C GLU B 500 34.97 2.04 -14.97
N VAL B 501 33.97 2.08 -14.09
CA VAL B 501 32.60 1.63 -14.41
C VAL B 501 31.64 2.81 -14.25
N TYR B 502 30.96 3.19 -15.33
CA TYR B 502 29.89 4.19 -15.28
C TYR B 502 28.55 3.49 -15.24
N HIS B 503 27.62 3.95 -14.39
CA HIS B 503 26.36 3.23 -14.23
C HIS B 503 25.21 4.16 -13.83
N SER B 504 23.98 3.67 -14.05
CA SER B 504 22.77 4.40 -13.68
C SER B 504 21.57 3.46 -13.65
N ASN B 505 20.67 3.69 -12.69
CA ASN B 505 19.31 3.17 -12.80
C ASN B 505 18.52 4.02 -13.81
N PHE B 506 17.40 3.48 -14.30
CA PHE B 506 16.47 4.25 -15.12
C PHE B 506 15.05 3.71 -14.96
N LYS B 507 14.08 4.52 -15.38
CA LYS B 507 12.67 4.10 -15.35
C LYS B 507 12.10 4.36 -16.74
N PRO B 508 11.60 3.33 -17.43
CA PRO B 508 10.93 3.57 -18.73
C PRO B 508 9.76 4.53 -18.57
N LEU B 509 9.62 5.46 -19.52
CA LEU B 509 8.48 6.38 -19.45
C LEU B 509 7.16 5.61 -19.39
N GLU B 510 7.08 4.47 -20.11
CA GLU B 510 5.87 3.67 -20.11
C GLU B 510 5.51 3.12 -18.73
N TRP B 511 6.47 3.07 -17.79
CA TRP B 511 6.20 2.53 -16.45
C TRP B 511 5.67 3.57 -15.47
N THR B 512 5.63 4.85 -15.86
CA THR B 512 5.22 5.91 -14.93
C THR B 512 3.72 5.86 -14.65
N VAL B 513 2.90 6.04 -15.69
CA VAL B 513 1.45 5.97 -15.52
C VAL B 513 1.01 4.60 -15.05
N ALA B 514 1.78 3.55 -15.37
CA ALA B 514 1.40 2.19 -14.97
C ALA B 514 1.83 1.83 -13.54
N HIS B 515 2.48 2.75 -12.80
CA HIS B 515 2.86 2.55 -11.40
C HIS B 515 3.80 1.35 -11.19
N ARG B 516 4.76 1.15 -12.10
CA ARG B 516 5.78 0.12 -11.92
C ARG B 516 7.02 0.70 -11.22
N GLU B 517 8.05 -0.13 -11.01
CA GLU B 517 9.10 0.21 -10.05
C GLU B 517 10.08 1.27 -10.58
N ASP B 518 10.56 2.12 -9.66
CA ASP B 518 11.41 3.27 -9.98
C ASP B 518 12.85 2.90 -10.31
N ASN B 519 13.43 1.94 -9.59
CA ASN B 519 14.87 1.69 -9.61
C ASN B 519 15.17 0.20 -9.72
N VAL B 520 14.59 -0.49 -10.70
CA VAL B 520 14.96 -1.87 -11.01
C VAL B 520 15.73 -1.97 -12.32
N CYS B 521 15.35 -1.20 -13.34
CA CYS B 521 16.13 -1.19 -14.58
C CYS B 521 17.49 -0.51 -14.32
N TYR B 522 18.52 -0.99 -15.01
CA TYR B 522 19.91 -0.67 -14.68
C TYR B 522 20.82 -0.85 -15.89
N MET B 523 21.83 0.03 -16.05
CA MET B 523 22.81 -0.16 -17.12
C MET B 523 24.19 0.29 -16.66
N LYS B 524 25.23 -0.24 -17.33
CA LYS B 524 26.60 0.14 -17.00
C LYS B 524 27.53 -0.06 -18.20
N LEU B 525 28.61 0.73 -18.21
CA LEU B 525 29.71 0.62 -19.16
C LEU B 525 30.99 0.34 -18.37
N VAL B 526 31.65 -0.77 -18.70
CA VAL B 526 32.91 -1.18 -18.08
C VAL B 526 34.04 -0.75 -19.02
N CYS B 527 34.97 0.13 -18.54
CA CYS B 527 35.92 0.84 -19.39
C CYS B 527 37.36 0.70 -18.90
N ARG B 528 38.32 0.81 -19.83
CA ARG B 528 39.75 0.66 -19.54
C ARG B 528 40.43 2.03 -19.55
N LYS B 529 40.90 2.47 -18.39
CA LYS B 529 41.40 3.83 -18.24
C LYS B 529 42.62 4.08 -19.15
N SER B 530 43.57 3.13 -19.16
CA SER B 530 44.84 3.35 -19.84
C SER B 530 44.73 3.25 -21.35
N ASP B 531 43.57 2.88 -21.89
CA ASP B 531 43.33 2.81 -23.32
C ASP B 531 42.23 3.78 -23.72
N ASN B 532 42.37 5.04 -23.30
CA ASN B 532 41.46 6.11 -23.75
C ASN B 532 40.02 5.86 -23.28
N MET B 533 39.84 5.14 -22.16
CA MET B 533 38.49 4.77 -21.67
C MET B 533 37.72 3.92 -22.67
N ARG B 534 38.43 3.00 -23.32
CA ARG B 534 37.80 2.05 -24.24
C ARG B 534 36.67 1.30 -23.54
N VAL B 535 35.54 1.14 -24.22
CA VAL B 535 34.41 0.37 -23.66
C VAL B 535 34.71 -1.12 -23.81
N LEU B 536 34.99 -1.80 -22.69
CA LEU B 536 35.25 -3.23 -22.70
C LEU B 536 33.98 -4.07 -22.68
N GLY B 537 32.94 -3.56 -22.01
CA GLY B 537 31.68 -4.29 -21.91
C GLY B 537 30.50 -3.36 -21.67
N LEU B 538 29.36 -3.68 -22.28
CA LEU B 538 28.10 -2.94 -22.11
C LEU B 538 27.04 -3.88 -21.57
N HIS B 539 26.24 -3.39 -20.60
CA HIS B 539 25.25 -4.23 -19.90
C HIS B 539 23.96 -3.44 -19.67
N VAL B 540 22.80 -4.02 -20.01
CA VAL B 540 21.50 -3.35 -19.76
C VAL B 540 20.42 -4.35 -19.32
N LEU B 541 19.71 -4.01 -18.24
CA LEU B 541 18.56 -4.75 -17.71
C LEU B 541 17.31 -3.86 -17.90
N GLY B 542 16.37 -4.28 -18.76
CA GLY B 542 15.19 -3.47 -19.01
C GLY B 542 14.37 -3.99 -20.17
N PRO B 543 13.26 -3.32 -20.49
CA PRO B 543 12.42 -3.79 -21.60
C PRO B 543 13.13 -3.63 -22.95
N ASN B 544 12.83 -4.56 -23.88
CA ASN B 544 13.36 -4.48 -25.25
C ASN B 544 14.89 -4.48 -25.28
N ALA B 545 15.51 -5.22 -24.35
CA ALA B 545 16.96 -5.12 -24.17
C ALA B 545 17.73 -5.56 -25.41
N GLY B 546 17.19 -6.49 -26.19
CA GLY B 546 17.87 -6.89 -27.42
C GLY B 546 17.87 -5.78 -28.47
N GLU B 547 16.75 -5.07 -28.60
CA GLU B 547 16.72 -3.93 -29.52
C GLU B 547 17.68 -2.83 -29.06
N ILE B 548 17.75 -2.58 -27.74
CA ILE B 548 18.67 -1.57 -27.22
C ILE B 548 20.13 -1.91 -27.58
N THR B 549 20.52 -3.18 -27.33
CA THR B 549 21.93 -3.57 -27.34
C THR B 549 22.50 -3.64 -28.77
N GLN B 550 21.68 -4.08 -29.73
CA GLN B 550 22.21 -4.48 -31.03
C GLN B 550 23.06 -3.40 -31.70
N GLY B 551 22.54 -2.18 -31.79
CA GLY B 551 23.29 -1.13 -32.48
C GLY B 551 24.62 -0.80 -31.84
N TYR B 552 24.69 -0.88 -30.51
CA TYR B 552 25.95 -0.60 -29.82
C TYR B 552 27.01 -1.64 -30.13
N ALA B 553 26.60 -2.86 -30.55
CA ALA B 553 27.57 -3.89 -30.92
C ALA B 553 28.40 -3.47 -32.11
N VAL B 554 27.86 -2.65 -33.02
CA VAL B 554 28.65 -2.13 -34.12
C VAL B 554 29.71 -1.16 -33.60
N ALA B 555 29.31 -0.25 -32.70
CA ALA B 555 30.27 0.71 -32.15
C ALA B 555 31.38 0.03 -31.36
N ILE B 556 31.06 -1.03 -30.61
CA ILE B 556 32.08 -1.75 -29.85
C ILE B 556 33.02 -2.50 -30.79
N LYS B 557 32.49 -3.10 -31.86
CA LYS B 557 33.33 -3.72 -32.89
C LYS B 557 34.36 -2.73 -33.44
N MET B 558 33.98 -1.47 -33.55
CA MET B 558 34.79 -0.39 -34.11
C MET B 558 35.72 0.24 -33.06
N GLY B 559 35.68 -0.21 -31.81
CA GLY B 559 36.53 0.35 -30.77
C GLY B 559 36.03 1.58 -30.03
N ALA B 560 34.73 1.66 -29.78
CA ALA B 560 34.17 2.84 -29.12
C ALA B 560 34.81 3.10 -27.76
N THR B 561 35.01 4.39 -27.45
CA THR B 561 35.43 4.88 -26.14
C THR B 561 34.26 5.56 -25.44
N LYS B 562 34.45 5.88 -24.16
CA LYS B 562 33.42 6.65 -23.45
C LYS B 562 33.18 8.00 -24.13
N ALA B 563 34.24 8.63 -24.64
CA ALA B 563 34.08 9.90 -25.34
C ALA B 563 33.18 9.76 -26.56
N ASP B 564 33.20 8.60 -27.25
CA ASP B 564 32.28 8.40 -28.36
C ASP B 564 30.82 8.36 -27.90
N PHE B 565 30.54 7.71 -26.76
CA PHE B 565 29.18 7.74 -26.19
C PHE B 565 28.77 9.16 -25.77
N ASP B 566 29.72 9.93 -25.18
CA ASP B 566 29.38 11.28 -24.72
C ASP B 566 29.07 12.24 -25.86
N ARG B 567 29.84 12.19 -26.97
CA ARG B 567 29.60 13.14 -28.06
C ARG B 567 28.37 12.79 -28.92
N THR B 568 27.89 11.55 -28.86
CA THR B 568 26.66 11.17 -29.56
C THR B 568 25.43 11.65 -28.78
N ILE B 569 24.42 12.18 -29.48
CA ILE B 569 23.24 12.76 -28.83
C ILE B 569 22.13 11.70 -28.67
N GLY B 570 21.38 11.79 -27.57
CA GLY B 570 20.30 10.83 -27.35
C GLY B 570 19.05 11.08 -28.21
N ILE B 571 18.24 10.03 -28.37
CA ILE B 571 16.86 10.10 -28.91
C ILE B 571 15.90 10.09 -27.72
N HIS B 572 15.00 11.08 -27.64
CA HIS B 572 14.08 11.25 -26.50
C HIS B 572 12.61 11.15 -26.93
N PRO B 573 11.75 10.44 -26.15
CA PRO B 573 12.02 9.66 -24.93
C PRO B 573 12.29 8.18 -25.25
N THR B 574 13.43 7.63 -24.83
CA THR B 574 13.74 6.20 -25.00
C THR B 574 14.46 5.70 -23.76
N CYS B 575 14.49 4.37 -23.59
CA CYS B 575 15.36 3.77 -22.59
C CYS B 575 16.83 3.87 -23.02
N SER B 576 17.10 3.63 -24.31
CA SER B 576 18.48 3.54 -24.79
C SER B 576 19.27 4.84 -24.61
N GLU B 577 18.61 6.02 -24.65
CA GLU B 577 19.35 7.28 -24.55
C GLU B 577 20.14 7.43 -23.25
N THR B 578 19.78 6.66 -22.20
CA THR B 578 20.50 6.80 -20.92
C THR B 578 21.99 6.48 -21.08
N PHE B 579 22.35 5.65 -22.08
CA PHE B 579 23.76 5.39 -22.36
C PHE B 579 24.53 6.61 -22.85
N THR B 580 23.84 7.66 -23.35
CA THR B 580 24.56 8.79 -23.92
C THR B 580 24.94 9.86 -22.90
N THR B 581 24.47 9.75 -21.65
CA THR B 581 24.73 10.77 -20.63
C THR B 581 25.22 10.16 -19.31
N LEU B 582 25.81 8.97 -19.31
CA LEU B 582 26.27 8.37 -18.06
C LEU B 582 27.41 9.18 -17.46
N HIS B 583 27.44 9.28 -16.13
CA HIS B 583 28.44 10.11 -15.45
C HIS B 583 28.85 9.60 -14.05
N VAL B 584 27.97 8.88 -13.34
CA VAL B 584 28.30 8.38 -12.00
C VAL B 584 29.24 7.17 -12.12
N THR B 585 30.39 7.23 -11.44
CA THR B 585 31.32 6.11 -11.40
C THR B 585 31.13 5.27 -10.14
N LYS B 586 31.45 3.98 -10.23
CA LYS B 586 31.38 3.14 -9.04
C LYS B 586 32.40 3.58 -7.99
N LYS B 587 33.58 4.02 -8.44
CA LYS B 587 34.63 4.43 -7.50
C LYS B 587 34.21 5.66 -6.69
N SER B 588 33.37 6.51 -7.26
CA SER B 588 32.94 7.72 -6.55
C SER B 588 32.05 7.39 -5.35
N GLY B 589 31.39 6.24 -5.35
CA GLY B 589 30.46 5.89 -4.30
C GLY B 589 29.12 6.60 -4.37
N VAL B 590 28.89 7.44 -5.37
CA VAL B 590 27.63 8.16 -5.49
C VAL B 590 26.52 7.21 -5.94
N SER B 591 25.31 7.40 -5.42
CA SER B 591 24.22 6.47 -5.72
C SER B 591 23.84 6.54 -7.19
N PRO B 592 23.52 5.40 -7.82
CA PRO B 592 23.01 5.42 -9.20
C PRO B 592 21.50 5.57 -9.35
N ILE B 593 20.73 5.82 -8.28
CA ILE B 593 19.26 5.82 -8.40
C ILE B 593 18.78 7.09 -9.12
N VAL B 594 17.57 6.97 -9.69
CA VAL B 594 17.00 8.05 -10.51
C VAL B 594 16.55 9.22 -9.64
#